data_9E82
#
_entry.id   9E82
#
_cell.length_a   1.00
_cell.length_b   1.00
_cell.length_c   1.00
_cell.angle_alpha   90.00
_cell.angle_beta   90.00
_cell.angle_gamma   90.00
#
_symmetry.space_group_name_H-M   'P 1'
#
loop_
_entity.id
_entity.type
_entity.pdbx_description
1 polymer Beta-arrestin-1
2 polymer SDF-1-beta(3-72)
3 polymer 'Fab7 heavy chain'
4 polymer 'Fab7 light chain'
5 polymer 'Atypical chemokine receptor 3'
6 non-polymer CHOLESTEROL
#
loop_
_entity_poly.entity_id
_entity_poly.type
_entity_poly.pdbx_seq_one_letter_code
_entity_poly.pdbx_strand_id
1 'polypeptide(L)'
;MGDKGTRVFKKASPNGKLTVYLGKRDFVDHIDLVEPVDGVVLVDPEYLKERRVYVTLTCAFRYGREDLDVLGLTFRKDLF
VANVQSFPPAPEDKKPLTRLQERLIKKLGEHAYPFTFEIPPNLPCSVTLQPGPEDTGKACGVDYEVKAFCAENLEEKIHK
RNSVRLVIRKVQYAPERPGPQPTAETTRQFLMSDKPLHLEASLDKEIYYHGEPISVNVHVTNNTNKTVKKIKISVRQYAD
ICLFNTAQYKCPVAMEEADDTVAPSSTFCKVYTLTPFLANNREKRGLALDGKLKHEDTNLASSTLLREGANREILGIIVS
YKVKVKLVVSRGGLLGDLASSDVAVELPFTLMHPKPKEEPPHREVPEHETPVDTNLIELDTNDDDAAAEDFARQRLKGMK
DDKEEEEDGTGSPRLNDR
;
A
2 'polypeptide(L)' LRHQSLSYRCPCRFFESHVARANVKHLKILNTPNCALQIVARLKNNNRQVCIDPKLKWIQEYLEKALNK B
3 'polypeptide(L)'
;EISEVQLVESGGGLVQPGGSLRLSCAASGFNVSSSYIHWVRQAPGKGLEWVASISSYYGYTYYADSVKGRFTISADTSKN
TAYLQMNSLRAEDTAVYYCARKSMYHRGWGWLSWVYGAMDYWGQGTLVTVSSASTKGPSVFPLAPSSKSTSGGTAALGCL
VKDYFPEPVTVSWNSGALTSGVHTFPAVLQSSGLYSLSSVVTVPSSSLGTQTYICNVNHKPSNTKVDKKVEPKSCDKTHT
;
H
4 'polypeptide(L)'
;SDIQMTQSPSSLSASVGDRVTITCRASQSVSSAVAWYQQKPGKAPKLLIYSASSLYSGVPSRFSGSRSGTDFTLTISSLQ
PEDFATYYCQQSYYYPITFGQGTKVEIKRTVAAPSVFIFPPSDSQLKSGTASVVCLLNNFYPREAKVQWKVDNALQSGNS
QESVTEQDSKDSTYSLSSTLTLSKADYEKHKVYACEVTHQGLSSPVTKSFNRGEC
;
L
5 'polypeptide(L)'
;GAPDLHLFDYSEPGNFSDISWPCNSSDCIVVDTVMCPNMPNKSVLLYTLSFIYIFIFVIGMIANSVVVWVNIQAKTTGYD
THCYILNLAIADLWVVLTIPVWVVSLVQHNQWPMGELTCKVTHLIFSINLFGSIFFLTCMSVDRYLSITYFTNTPSSRKK
MVRRVVCILVWLLAFCVSLPDTYYLKTVTSASNNETYCRSFYPEHSIKEWLIGMELVSVVLGFAVPFSIIAVFYFLLARA
ISASSDQEKHSSRKIIFSYVVVFLVCWLPYHVAVLLDIFSILHYIPFTCRLEHALFTALHVTQCLSLVHCCVNPVLYSFI
NRNYRYELMKAFIFKYSAK(TPO)GL(TPO)KLIDASRVSETEYSALEQSTKGRPLEVLFQGPHHHHHHHHHHDYKDDDD
K
;
R
#
loop_
_chem_comp.id
_chem_comp.type
_chem_comp.name
_chem_comp.formula
CLR non-polymer CHOLESTEROL 'C27 H46 O'
#
# COMPACT_ATOMS: atom_id res chain seq x y z
N THR A 6 -4.51 5.87 27.73
CA THR A 6 -3.13 5.57 27.36
C THR A 6 -2.81 4.11 27.61
N ARG A 7 -2.82 3.30 26.54
CA ARG A 7 -2.49 1.90 26.63
C ARG A 7 -0.98 1.74 26.67
N VAL A 8 -0.45 1.29 27.81
CA VAL A 8 0.97 1.13 28.01
C VAL A 8 1.33 -0.30 27.61
N PHE A 9 2.06 -0.44 26.51
CA PHE A 9 2.46 -1.76 26.05
C PHE A 9 3.35 -2.41 27.09
N LYS A 10 2.81 -3.43 27.76
CA LYS A 10 3.55 -4.14 28.79
C LYS A 10 3.99 -5.49 28.26
N LYS A 11 5.02 -6.05 28.88
CA LYS A 11 5.45 -7.39 28.54
C LYS A 11 6.15 -8.03 29.73
N ALA A 12 5.51 -9.01 30.35
CA ALA A 12 6.17 -9.79 31.39
C ALA A 12 7.22 -10.69 30.77
N SER A 13 8.18 -11.10 31.58
CA SER A 13 9.21 -11.98 31.09
C SER A 13 8.61 -13.34 30.71
N PRO A 14 9.28 -14.11 29.86
CA PRO A 14 8.65 -15.35 29.36
C PRO A 14 8.16 -16.26 30.47
N ASN A 15 8.87 -16.33 31.60
CA ASN A 15 8.44 -17.13 32.73
C ASN A 15 7.75 -16.28 33.81
N GLY A 16 7.23 -15.11 33.42
CA GLY A 16 6.43 -14.29 34.30
C GLY A 16 7.16 -13.82 35.54
N LYS A 17 8.40 -13.36 35.37
CA LYS A 17 9.22 -12.90 36.47
C LYS A 17 9.67 -11.45 36.35
N LEU A 18 9.77 -10.90 35.14
CA LEU A 18 10.18 -9.52 34.92
C LEU A 18 9.24 -8.91 33.90
N THR A 19 8.75 -7.71 34.19
CA THR A 19 7.78 -7.04 33.34
C THR A 19 8.31 -5.67 32.93
N VAL A 20 8.43 -5.45 31.63
CA VAL A 20 8.89 -4.18 31.07
C VAL A 20 7.66 -3.44 30.55
N TYR A 21 7.46 -2.21 31.02
CA TYR A 21 6.35 -1.36 30.59
C TYR A 21 6.93 -0.13 29.91
N LEU A 22 6.51 0.11 28.66
CA LEU A 22 6.91 1.28 27.90
C LEU A 22 5.82 2.35 28.01
N GLY A 23 5.94 3.42 27.21
CA GLY A 23 4.90 4.42 27.08
C GLY A 23 4.37 4.47 25.66
N LYS A 24 5.24 4.16 24.69
CA LYS A 24 4.86 4.14 23.28
C LYS A 24 5.78 3.17 22.56
N ARG A 25 5.72 3.18 21.24
CA ARG A 25 6.52 2.28 20.43
C ARG A 25 7.22 2.96 19.25
N ASP A 26 6.90 4.22 18.95
CA ASP A 26 7.55 4.96 17.87
C ASP A 26 8.11 6.26 18.44
N PHE A 27 9.32 6.60 18.03
CA PHE A 27 10.05 7.72 18.61
C PHE A 27 10.42 8.71 17.52
N VAL A 28 10.12 9.98 17.78
CA VAL A 28 10.20 11.02 16.76
C VAL A 28 11.63 11.57 16.72
N ASP A 29 12.22 11.57 15.53
CA ASP A 29 13.59 12.01 15.32
C ASP A 29 13.55 13.45 14.79
N HIS A 30 13.69 14.41 15.69
CA HIS A 30 13.70 15.83 15.34
C HIS A 30 15.06 16.29 14.80
N ILE A 31 15.95 15.37 14.45
CA ILE A 31 17.27 15.70 13.94
C ILE A 31 18.11 16.32 15.07
N ASP A 32 17.63 17.44 15.62
CA ASP A 32 18.34 18.12 16.74
C ASP A 32 18.27 17.28 18.01
N LEU A 33 17.13 16.62 18.27
CA LEU A 33 17.04 15.72 19.44
C LEU A 33 16.16 14.50 19.13
N VAL A 34 16.62 13.28 19.44
CA VAL A 34 15.76 12.06 19.27
C VAL A 34 15.06 11.84 20.63
N GLU A 35 13.72 11.81 20.67
CA GLU A 35 12.98 11.69 21.95
C GLU A 35 13.48 10.47 22.72
N PRO A 36 13.46 10.46 24.07
CA PRO A 36 14.07 9.35 24.81
C PRO A 36 13.27 8.05 24.93
N VAL A 37 13.93 6.89 24.96
CA VAL A 37 13.24 5.62 25.20
C VAL A 37 13.27 5.38 26.71
N ASP A 38 12.14 5.63 27.37
CA ASP A 38 12.04 5.51 28.82
C ASP A 38 10.94 4.52 29.18
N GLY A 39 11.17 3.77 30.25
CA GLY A 39 10.20 2.76 30.68
C GLY A 39 10.47 2.33 32.10
N VAL A 40 9.71 1.33 32.55
CA VAL A 40 9.82 0.83 33.91
C VAL A 40 9.89 -0.68 33.89
N VAL A 41 10.45 -1.25 34.96
CA VAL A 41 10.63 -2.69 35.10
C VAL A 41 10.14 -3.10 36.47
N LEU A 42 9.26 -4.10 36.51
CA LEU A 42 8.77 -4.70 37.73
C LEU A 42 9.37 -6.09 37.87
N VAL A 43 9.94 -6.37 39.05
CA VAL A 43 10.63 -7.62 39.32
C VAL A 43 9.94 -8.33 40.49
N ASP A 44 9.77 -9.64 40.35
CA ASP A 44 9.12 -10.44 41.39
C ASP A 44 10.18 -11.01 42.31
N PRO A 45 10.23 -10.61 43.59
CA PRO A 45 11.32 -11.11 44.45
C PRO A 45 11.35 -12.62 44.56
N GLU A 46 10.19 -13.27 44.58
CA GLU A 46 10.14 -14.71 44.78
C GLU A 46 10.92 -15.44 43.69
N TYR A 47 10.75 -15.02 42.44
CA TYR A 47 11.49 -15.59 41.33
C TYR A 47 12.76 -14.81 41.02
N LEU A 48 13.03 -13.70 41.73
CA LEU A 48 14.19 -12.87 41.47
C LEU A 48 15.31 -13.29 42.41
N LYS A 49 16.32 -13.98 41.86
CA LYS A 49 17.51 -14.33 42.60
C LYS A 49 18.78 -14.19 41.77
N GLU A 50 18.70 -13.70 40.54
CA GLU A 50 19.91 -13.51 39.74
C GLU A 50 20.81 -12.44 40.32
N ARG A 51 20.30 -11.63 41.26
CA ARG A 51 21.04 -10.67 42.08
C ARG A 51 21.36 -9.38 41.32
N ARG A 52 21.03 -9.26 40.04
CA ARG A 52 21.24 -8.02 39.31
C ARG A 52 20.59 -8.12 37.94
N VAL A 53 20.13 -6.99 37.43
CA VAL A 53 19.42 -6.93 36.15
C VAL A 53 19.84 -5.67 35.42
N TYR A 54 19.92 -5.77 34.08
CA TYR A 54 20.21 -4.63 33.22
C TYR A 54 19.17 -4.57 32.11
N VAL A 55 18.83 -3.35 31.69
CA VAL A 55 17.97 -3.12 30.54
C VAL A 55 18.80 -2.43 29.47
N THR A 56 18.86 -3.03 28.28
CA THR A 56 19.77 -2.58 27.23
C THR A 56 18.97 -2.24 25.98
N LEU A 57 19.19 -1.03 25.46
CA LEU A 57 18.59 -0.57 24.22
C LEU A 57 19.61 -0.76 23.10
N THR A 58 19.24 -1.57 22.11
CA THR A 58 20.15 -1.97 21.04
C THR A 58 19.57 -1.58 19.70
N CYS A 59 20.37 -0.87 18.90
CA CYS A 59 20.01 -0.49 17.54
C CYS A 59 20.85 -1.33 16.60
N ALA A 60 20.21 -2.20 15.84
CA ALA A 60 20.89 -3.21 15.04
C ALA A 60 20.48 -3.10 13.59
N PHE A 61 21.45 -3.28 12.70
CA PHE A 61 21.19 -3.42 11.28
C PHE A 61 21.30 -4.90 10.92
N ARG A 62 20.23 -5.44 10.34
CA ARG A 62 20.14 -6.87 10.06
C ARG A 62 20.20 -7.08 8.56
N TYR A 63 21.00 -8.04 8.12
CA TYR A 63 21.14 -8.34 6.71
C TYR A 63 21.49 -9.80 6.48
N PHE A 75 24.48 -12.48 10.47
CA PHE A 75 24.68 -11.19 9.80
C PHE A 75 23.77 -10.14 10.40
N ARG A 76 23.81 -10.02 11.73
CA ARG A 76 23.01 -9.07 12.48
C ARG A 76 23.84 -7.89 12.98
N LYS A 77 24.78 -7.42 12.15
CA LYS A 77 25.75 -6.41 12.58
C LYS A 77 25.05 -5.27 13.31
N ASP A 78 25.40 -5.12 14.60
CA ASP A 78 24.84 -4.04 15.40
C ASP A 78 25.43 -2.71 14.95
N LEU A 79 24.67 -1.64 15.19
CA LEU A 79 25.12 -0.28 14.95
C LEU A 79 25.24 0.55 16.21
N PHE A 80 24.58 0.16 17.30
CA PHE A 80 24.64 0.95 18.52
C PHE A 80 24.07 0.15 19.67
N VAL A 81 24.57 0.43 20.88
CA VAL A 81 24.13 -0.25 22.09
C VAL A 81 24.23 0.72 23.25
N ALA A 82 23.35 0.56 24.24
CA ALA A 82 23.47 1.34 25.46
C ALA A 82 22.71 0.63 26.57
N ASN A 83 23.35 0.48 27.73
CA ASN A 83 22.79 -0.29 28.83
C ASN A 83 22.52 0.61 30.02
N VAL A 84 21.51 0.22 30.81
CA VAL A 84 21.14 0.90 32.04
C VAL A 84 21.05 -0.13 33.15
N GLN A 85 21.62 0.19 34.31
CA GLN A 85 21.60 -0.72 35.44
C GLN A 85 20.19 -0.79 36.02
N SER A 86 19.42 -1.77 35.57
CA SER A 86 18.02 -1.84 35.94
C SER A 86 17.85 -2.07 37.43
N PHE A 87 18.69 -2.91 38.02
CA PHE A 87 18.57 -3.21 39.45
C PHE A 87 19.88 -3.80 39.93
N PRO A 88 20.38 -3.41 41.11
CA PRO A 88 19.85 -2.38 42.01
C PRO A 88 20.14 -0.99 41.50
N PRO A 89 19.49 0.05 42.02
CA PRO A 89 19.81 1.42 41.59
C PRO A 89 21.29 1.69 41.67
N ALA A 90 21.92 1.95 40.53
CA ALA A 90 23.36 2.13 40.51
C ALA A 90 23.73 3.30 41.43
N PRO A 91 24.68 3.14 42.34
CA PRO A 91 25.00 4.24 43.25
C PRO A 91 25.48 5.49 42.52
N GLU A 92 26.21 5.34 41.42
CA GLU A 92 26.69 6.50 40.68
C GLU A 92 25.59 7.16 39.87
N ASP A 93 24.66 6.37 39.32
CA ASP A 93 23.61 6.90 38.46
C ASP A 93 22.52 7.54 39.30
N LYS A 94 22.26 8.84 39.06
CA LYS A 94 21.21 9.56 39.75
C LYS A 94 20.69 10.63 38.80
N LYS A 95 19.58 10.34 38.13
CA LYS A 95 19.00 11.25 37.16
C LYS A 95 17.50 11.42 37.42
N PRO A 96 16.93 12.56 37.04
CA PRO A 96 15.50 12.78 37.30
C PRO A 96 14.64 11.80 36.52
N LEU A 97 13.48 11.47 37.10
CA LEU A 97 12.57 10.51 36.50
C LEU A 97 11.68 11.21 35.47
N THR A 98 11.06 10.40 34.62
CA THR A 98 10.13 10.86 33.60
C THR A 98 8.70 10.67 34.09
N ARG A 99 7.78 11.43 33.48
CA ARG A 99 6.38 11.37 33.91
C ARG A 99 5.80 9.97 33.71
N LEU A 100 6.00 9.40 32.53
CA LEU A 100 5.48 8.05 32.27
C LEU A 100 5.98 7.07 33.32
N GLN A 101 7.29 7.03 33.53
CA GLN A 101 7.87 6.02 34.42
C GLN A 101 7.44 6.24 35.86
N GLU A 102 7.46 7.49 36.33
CA GLU A 102 7.08 7.75 37.72
C GLU A 102 5.62 7.41 37.95
N ARG A 103 4.74 7.77 37.00
CA ARG A 103 3.33 7.45 37.15
C ARG A 103 3.10 5.94 37.14
N LEU A 104 3.80 5.22 36.26
CA LEU A 104 3.65 3.76 36.23
C LEU A 104 4.15 3.13 37.53
N ILE A 105 5.26 3.66 38.08
CA ILE A 105 5.76 3.15 39.35
C ILE A 105 4.75 3.38 40.46
N LYS A 106 4.20 4.59 40.52
CA LYS A 106 3.16 4.89 41.51
C LYS A 106 1.98 3.93 41.33
N LYS A 107 1.65 3.60 40.09
CA LYS A 107 0.59 2.63 39.83
C LYS A 107 0.95 1.25 40.38
N LEU A 108 2.20 0.83 40.21
CA LEU A 108 2.59 -0.56 40.53
C LEU A 108 3.02 -0.69 41.99
N GLY A 109 4.06 0.02 42.39
CA GLY A 109 4.53 -0.07 43.77
C GLY A 109 6.03 0.16 43.85
N GLU A 110 6.61 -0.35 44.93
CA GLU A 110 8.01 -0.13 45.25
C GLU A 110 8.93 -1.24 44.75
N HIS A 111 8.39 -2.34 44.23
CA HIS A 111 9.21 -3.41 43.69
C HIS A 111 9.46 -3.25 42.19
N ALA A 112 9.32 -2.03 41.67
CA ALA A 112 9.64 -1.72 40.29
C ALA A 112 10.45 -0.43 40.25
N TYR A 113 11.27 -0.30 39.21
CA TYR A 113 12.17 0.83 39.09
C TYR A 113 12.32 1.20 37.62
N PRO A 114 12.70 2.43 37.31
CA PRO A 114 12.72 2.89 35.92
C PRO A 114 14.05 2.68 35.23
N PHE A 115 14.00 2.78 33.90
CA PHE A 115 15.18 2.81 33.05
C PHE A 115 14.92 3.82 31.94
N THR A 116 15.78 4.83 31.83
CA THR A 116 15.62 5.91 30.87
C THR A 116 16.85 5.98 29.98
N PHE A 117 16.64 5.82 28.68
CA PHE A 117 17.71 5.89 27.69
C PHE A 117 17.79 7.29 27.11
N GLU A 118 18.86 7.52 26.33
CA GLU A 118 19.03 8.79 25.62
C GLU A 118 19.76 8.45 24.32
N ILE A 119 19.00 8.27 23.25
CA ILE A 119 19.60 7.86 21.98
C ILE A 119 20.54 8.95 21.49
N PRO A 120 21.74 8.63 21.04
CA PRO A 120 22.62 9.66 20.50
C PRO A 120 22.15 10.09 19.13
N PRO A 121 22.19 11.39 18.81
CA PRO A 121 21.74 11.83 17.49
C PRO A 121 22.62 11.25 16.40
N ASN A 122 22.20 11.50 15.16
CA ASN A 122 22.97 11.07 13.99
C ASN A 122 23.07 9.55 13.93
N LEU A 123 21.95 8.87 14.15
CA LEU A 123 21.85 7.44 14.05
C LEU A 123 20.81 7.05 13.00
N PRO A 124 20.86 5.82 12.50
CA PRO A 124 19.91 5.43 11.46
C PRO A 124 18.48 5.52 11.96
N CYS A 125 17.57 5.92 11.07
CA CYS A 125 16.17 5.91 11.40
C CYS A 125 15.60 4.50 11.26
N SER A 126 14.41 4.29 11.80
CA SER A 126 13.78 2.97 11.84
C SER A 126 13.28 2.63 10.44
N VAL A 127 14.21 2.21 9.60
CA VAL A 127 13.92 1.85 8.21
C VAL A 127 14.02 0.34 8.10
N THR A 128 13.00 -0.27 7.51
CA THR A 128 12.97 -1.71 7.28
C THR A 128 12.96 -1.96 5.79
N LEU A 129 13.86 -2.82 5.32
CA LEU A 129 13.77 -3.29 3.95
C LEU A 129 12.53 -4.15 3.81
N GLN A 130 11.80 -3.96 2.73
CA GLN A 130 10.49 -4.61 2.61
C GLN A 130 10.65 -6.11 2.73
N PRO A 131 9.88 -6.79 3.59
CA PRO A 131 9.97 -8.25 3.66
C PRO A 131 9.49 -8.89 2.36
N GLY A 132 10.10 -10.03 2.04
CA GLY A 132 9.71 -10.77 0.87
C GLY A 132 8.36 -11.44 1.05
N PRO A 133 7.55 -11.48 -0.01
CA PRO A 133 6.25 -12.17 0.09
C PRO A 133 6.40 -13.62 0.52
N GLU A 134 7.22 -14.37 -0.21
CA GLU A 134 7.46 -15.79 0.08
C GLU A 134 8.68 -15.98 0.98
N ASP A 135 8.68 -15.29 2.12
CA ASP A 135 9.77 -15.42 3.08
C ASP A 135 9.22 -15.21 4.49
N THR A 136 9.92 -15.78 5.46
CA THR A 136 9.51 -15.71 6.86
C THR A 136 10.60 -15.22 7.79
N GLY A 137 11.80 -14.93 7.28
CA GLY A 137 12.88 -14.50 8.14
C GLY A 137 12.63 -13.13 8.73
N LYS A 138 13.43 -12.81 9.75
CA LYS A 138 13.30 -11.53 10.41
C LYS A 138 13.56 -10.39 9.43
N ALA A 139 12.80 -9.30 9.58
CA ALA A 139 12.91 -8.18 8.67
C ALA A 139 14.31 -7.58 8.71
N CYS A 140 14.81 -7.19 7.53
CA CYS A 140 16.11 -6.54 7.43
C CYS A 140 15.95 -5.07 7.83
N GLY A 141 16.98 -4.27 7.59
CA GLY A 141 16.90 -2.86 7.89
C GLY A 141 17.11 -2.56 9.36
N VAL A 142 17.57 -1.36 9.67
CA VAL A 142 17.86 -1.01 11.05
C VAL A 142 16.61 -1.14 11.90
N ASP A 143 16.81 -1.33 13.20
CA ASP A 143 15.70 -1.46 14.13
C ASP A 143 16.21 -1.34 15.55
N TYR A 144 15.39 -0.71 16.40
CA TYR A 144 15.70 -0.52 17.81
C TYR A 144 14.89 -1.50 18.66
N GLU A 145 15.53 -2.08 19.68
CA GLU A 145 14.88 -3.04 20.54
C GLU A 145 15.37 -2.89 21.97
N VAL A 146 14.44 -2.94 22.92
CA VAL A 146 14.75 -2.91 24.35
C VAL A 146 14.74 -4.33 24.86
N LYS A 147 15.87 -4.79 25.40
CA LYS A 147 16.02 -6.13 25.93
C LYS A 147 16.35 -6.03 27.41
N ALA A 148 15.49 -6.59 28.25
CA ALA A 148 15.67 -6.57 29.70
C ALA A 148 16.08 -7.96 30.16
N PHE A 149 17.15 -8.04 30.96
CA PHE A 149 17.69 -9.34 31.35
C PHE A 149 18.28 -9.28 32.75
N CYS A 150 17.96 -10.28 33.56
CA CYS A 150 18.57 -10.43 34.87
C CYS A 150 19.91 -11.15 34.74
N ALA A 151 20.93 -10.61 35.39
CA ALA A 151 22.25 -11.22 35.33
C ALA A 151 23.15 -10.55 36.37
N GLU A 152 23.91 -11.37 37.09
CA GLU A 152 24.88 -10.83 38.03
C GLU A 152 25.87 -9.92 37.31
N ASN A 153 26.38 -10.38 36.17
CA ASN A 153 27.30 -9.61 35.35
C ASN A 153 26.90 -9.78 33.90
N LEU A 154 27.32 -8.81 33.07
CA LEU A 154 26.98 -8.85 31.66
C LEU A 154 27.51 -10.12 30.99
N GLU A 155 28.62 -10.66 31.50
CA GLU A 155 29.17 -11.89 30.92
C GLU A 155 28.28 -13.09 31.16
N GLU A 156 27.41 -13.05 32.17
CA GLU A 156 26.53 -14.18 32.46
C GLU A 156 25.62 -14.46 31.27
N LYS A 157 25.45 -15.73 30.95
CA LYS A 157 24.59 -16.11 29.83
C LYS A 157 23.16 -15.65 30.10
N ILE A 158 22.54 -15.07 29.07
CA ILE A 158 21.19 -14.54 29.16
C ILE A 158 20.25 -15.62 28.64
N HIS A 159 19.62 -16.36 29.55
CA HIS A 159 18.65 -17.36 29.15
C HIS A 159 17.43 -16.71 28.53
N LYS A 160 16.88 -17.36 27.50
CA LYS A 160 15.75 -16.78 26.78
C LYS A 160 14.56 -16.56 27.71
N ARG A 161 14.26 -17.55 28.55
CA ARG A 161 13.11 -17.44 29.45
C ARG A 161 13.36 -16.43 30.57
N ASN A 162 14.62 -16.11 30.86
CA ASN A 162 14.97 -15.13 31.88
C ASN A 162 15.38 -13.81 31.25
N SER A 163 14.72 -13.43 30.15
CA SER A 163 14.99 -12.18 29.46
C SER A 163 13.84 -11.90 28.50
N VAL A 164 13.57 -10.62 28.26
CA VAL A 164 12.47 -10.20 27.42
C VAL A 164 12.96 -9.17 26.42
N ARG A 165 12.26 -9.10 25.28
CA ARG A 165 12.59 -8.17 24.21
C ARG A 165 11.32 -7.48 23.73
N LEU A 166 11.46 -6.20 23.37
CA LEU A 166 10.33 -5.38 22.94
C LEU A 166 10.81 -4.36 21.93
N VAL A 167 10.24 -4.38 20.73
CA VAL A 167 10.76 -3.56 19.63
C VAL A 167 10.19 -2.15 19.71
N ILE A 168 10.92 -1.21 19.12
CA ILE A 168 10.47 0.18 19.05
C ILE A 168 10.91 0.76 17.70
N ARG A 169 10.59 2.03 17.46
CA ARG A 169 10.95 2.68 16.20
C ARG A 169 11.35 4.13 16.44
N LYS A 170 12.47 4.52 15.85
CA LYS A 170 12.85 5.92 15.69
C LYS A 170 12.60 6.30 14.23
N VAL A 171 11.76 7.31 14.01
CA VAL A 171 11.35 7.71 12.67
C VAL A 171 11.23 9.22 12.61
N GLN A 172 11.19 9.75 11.38
CA GLN A 172 11.14 11.17 11.11
C GLN A 172 9.85 11.53 10.38
N TYR A 173 9.32 12.70 10.71
CA TYR A 173 8.15 13.24 10.04
C TYR A 173 8.57 14.32 9.06
N ALA A 174 7.64 14.66 8.16
CA ALA A 174 7.97 15.59 7.08
C ALA A 174 8.37 16.95 7.63
N PRO A 175 9.27 17.67 6.95
CA PRO A 175 9.61 19.03 7.40
C PRO A 175 8.38 19.93 7.39
N GLU A 176 8.33 20.83 8.37
CA GLU A 176 7.15 21.68 8.52
C GLU A 176 7.16 22.83 7.50
N ARG A 177 8.17 23.69 7.57
CA ARG A 177 8.22 24.85 6.70
C ARG A 177 8.50 24.44 5.27
N PRO A 178 7.64 24.76 4.30
CA PRO A 178 7.91 24.35 2.92
C PRO A 178 9.15 25.04 2.38
N GLY A 179 9.88 24.31 1.55
CA GLY A 179 11.07 24.85 0.91
C GLY A 179 10.75 25.42 -0.45
N PRO A 180 11.75 25.90 -1.16
CA PRO A 180 11.53 26.45 -2.50
C PRO A 180 11.08 25.37 -3.47
N GLN A 181 10.31 25.79 -4.46
CA GLN A 181 9.87 24.87 -5.50
C GLN A 181 11.08 24.36 -6.29
N PRO A 182 11.28 23.05 -6.41
CA PRO A 182 12.43 22.54 -7.18
C PRO A 182 12.15 22.63 -8.67
N THR A 183 12.78 23.59 -9.33
CA THR A 183 12.67 23.76 -10.77
C THR A 183 14.03 23.44 -11.38
N ALA A 184 14.06 22.44 -12.25
CA ALA A 184 15.28 22.04 -12.93
C ALA A 184 15.15 22.38 -14.40
N GLU A 185 16.10 23.16 -14.91
CA GLU A 185 16.13 23.56 -16.31
C GLU A 185 17.44 23.09 -16.93
N THR A 186 17.38 22.76 -18.22
CA THR A 186 18.55 22.21 -18.88
C THR A 186 18.47 22.52 -20.37
N THR A 187 19.61 22.36 -21.04
CA THR A 187 19.73 22.59 -22.47
C THR A 187 20.54 21.47 -23.09
N ARG A 188 20.28 21.19 -24.36
CA ARG A 188 20.98 20.14 -25.09
C ARG A 188 21.09 20.53 -26.54
N GLN A 189 22.32 20.75 -27.00
CA GLN A 189 22.61 21.02 -28.40
C GLN A 189 23.11 19.74 -29.08
N PHE A 190 23.35 19.84 -30.38
CA PHE A 190 23.81 18.70 -31.16
C PHE A 190 24.71 19.18 -32.28
N LEU A 191 25.56 18.26 -32.76
CA LEU A 191 26.47 18.60 -33.84
C LEU A 191 25.72 18.92 -35.13
N MET A 192 24.70 18.13 -35.46
CA MET A 192 23.98 18.34 -36.71
C MET A 192 23.26 19.69 -36.71
N SER A 193 22.60 20.03 -35.61
CA SER A 193 21.85 21.26 -35.50
C SER A 193 22.38 22.07 -34.32
N ASP A 194 22.75 23.32 -34.59
CA ASP A 194 23.25 24.20 -33.55
C ASP A 194 22.15 24.73 -32.65
N LYS A 195 20.89 24.62 -33.07
CA LYS A 195 19.80 25.12 -32.25
C LYS A 195 19.70 24.32 -30.95
N PRO A 196 19.52 24.97 -29.81
CA PRO A 196 19.43 24.25 -28.55
C PRO A 196 18.03 23.73 -28.27
N LEU A 197 17.98 22.58 -27.60
CA LEU A 197 16.75 22.02 -27.06
C LEU A 197 16.68 22.39 -25.58
N HIS A 198 15.68 23.18 -25.21
CA HIS A 198 15.53 23.63 -23.84
C HIS A 198 14.46 22.80 -23.15
N LEU A 199 14.72 22.38 -21.92
CA LEU A 199 13.80 21.56 -21.16
C LEU A 199 13.66 22.12 -19.76
N GLU A 200 12.47 21.98 -19.19
CA GLU A 200 12.21 22.49 -17.86
C GLU A 200 11.23 21.57 -17.16
N ALA A 201 11.44 21.37 -15.86
CA ALA A 201 10.51 20.64 -15.02
C ALA A 201 10.43 21.33 -13.68
N SER A 202 9.30 21.16 -13.01
CA SER A 202 9.08 21.74 -11.69
C SER A 202 8.21 20.79 -10.88
N LEU A 203 7.77 21.25 -9.72
CA LEU A 203 6.87 20.49 -8.87
C LEU A 203 6.05 21.47 -8.05
N ASP A 204 4.80 21.10 -7.76
CA ASP A 204 3.87 22.07 -7.19
C ASP A 204 4.37 22.61 -5.86
N LYS A 205 4.90 21.74 -5.00
CA LYS A 205 5.46 22.18 -3.72
C LYS A 205 6.79 21.51 -3.48
N GLU A 206 7.38 21.73 -2.31
CA GLU A 206 8.73 21.26 -2.01
C GLU A 206 8.77 19.93 -1.28
N ILE A 207 7.68 19.53 -0.63
CA ILE A 207 7.63 18.29 0.13
C ILE A 207 6.32 17.59 -0.17
N TYR A 208 6.40 16.32 -0.54
CA TYR A 208 5.23 15.50 -0.79
C TYR A 208 5.00 14.52 0.35
N TYR A 209 3.80 13.94 0.39
CA TYR A 209 3.43 12.93 1.37
C TYR A 209 3.19 11.61 0.67
N HIS A 210 3.27 10.52 1.44
CA HIS A 210 3.11 9.20 0.85
C HIS A 210 1.72 9.08 0.26
N GLY A 211 1.65 8.60 -0.98
CA GLY A 211 0.39 8.45 -1.65
C GLY A 211 -0.25 9.76 -2.08
N GLU A 212 0.53 10.82 -2.22
CA GLU A 212 0.01 12.09 -2.67
C GLU A 212 0.38 12.33 -4.13
N PRO A 213 -0.49 12.93 -4.93
CA PRO A 213 -0.15 13.19 -6.33
C PRO A 213 1.04 14.14 -6.45
N ILE A 214 1.85 13.91 -7.48
CA ILE A 214 3.03 14.70 -7.77
C ILE A 214 2.85 15.28 -9.16
N SER A 215 2.96 16.61 -9.28
CA SER A 215 2.74 17.31 -10.53
C SER A 215 4.09 17.66 -11.16
N VAL A 216 4.32 17.15 -12.36
CA VAL A 216 5.57 17.38 -13.10
C VAL A 216 5.22 18.23 -14.32
N ASN A 217 5.68 19.48 -14.32
CA ASN A 217 5.31 20.45 -15.34
C ASN A 217 6.38 20.43 -16.45
N VAL A 218 6.31 19.40 -17.28
CA VAL A 218 7.32 19.20 -18.31
C VAL A 218 7.08 20.19 -19.45
N HIS A 219 7.98 21.16 -19.59
CA HIS A 219 7.93 22.12 -20.67
C HIS A 219 9.16 21.93 -21.55
N VAL A 220 9.00 22.13 -22.86
CA VAL A 220 10.06 21.85 -23.81
C VAL A 220 10.04 22.93 -24.89
N THR A 221 11.21 23.17 -25.46
CA THR A 221 11.36 23.97 -26.67
C THR A 221 12.38 23.22 -27.51
N ASN A 222 11.89 22.38 -28.43
CA ASN A 222 12.73 21.52 -29.26
C ASN A 222 12.85 22.17 -30.62
N ASN A 223 13.84 23.05 -30.77
CA ASN A 223 14.15 23.69 -32.04
C ASN A 223 15.01 22.83 -32.94
N THR A 224 15.40 21.64 -32.48
CA THR A 224 16.32 20.80 -33.22
C THR A 224 15.59 20.16 -34.40
N ASN A 225 16.27 19.26 -35.10
CA ASN A 225 15.72 18.61 -36.29
C ASN A 225 15.31 17.17 -36.05
N LYS A 226 15.68 16.57 -34.92
CA LYS A 226 15.26 15.22 -34.61
C LYS A 226 13.83 15.22 -34.09
N THR A 227 13.32 14.04 -33.77
CA THR A 227 11.92 13.86 -33.38
C THR A 227 11.84 13.33 -31.96
N VAL A 228 10.88 13.85 -31.20
CA VAL A 228 10.63 13.39 -29.83
C VAL A 228 9.59 12.29 -29.89
N LYS A 229 9.95 11.10 -29.43
CA LYS A 229 9.09 9.93 -29.55
C LYS A 229 8.23 9.68 -28.32
N LYS A 230 8.68 10.07 -27.14
CA LYS A 230 7.97 9.77 -25.91
C LYS A 230 8.50 10.68 -24.81
N ILE A 231 7.83 10.66 -23.66
CA ILE A 231 8.27 11.41 -22.49
C ILE A 231 8.04 10.53 -21.26
N LYS A 232 9.01 10.53 -20.35
CA LYS A 232 8.99 9.68 -19.17
C LYS A 232 9.12 10.51 -17.91
N ILE A 233 8.24 10.27 -16.95
CA ILE A 233 8.27 10.91 -15.64
C ILE A 233 8.42 9.81 -14.59
N SER A 234 9.33 10.01 -13.65
CA SER A 234 9.63 8.99 -12.63
C SER A 234 9.80 9.65 -11.28
N VAL A 235 9.68 8.84 -10.23
CA VAL A 235 9.80 9.29 -8.85
C VAL A 235 10.89 8.49 -8.15
N ARG A 236 11.95 8.14 -8.90
CA ARG A 236 13.01 7.26 -8.42
C ARG A 236 13.34 7.52 -6.95
N GLN A 237 13.38 6.44 -6.18
CA GLN A 237 13.75 6.47 -4.77
C GLN A 237 15.24 6.17 -4.64
N TYR A 238 16.00 7.16 -4.18
CA TYR A 238 17.42 7.00 -3.94
C TYR A 238 17.62 6.68 -2.47
N ALA A 239 17.90 5.42 -2.17
CA ALA A 239 18.18 4.97 -0.81
C ALA A 239 19.65 4.60 -0.74
N ASP A 240 20.37 5.25 0.18
CA ASP A 240 21.79 5.03 0.38
C ASP A 240 21.99 4.45 1.77
N ILE A 241 22.32 3.17 1.86
CA ILE A 241 22.65 2.57 3.16
C ILE A 241 24.14 2.84 3.37
N CYS A 242 24.42 4.04 3.85
CA CYS A 242 25.79 4.54 3.98
C CYS A 242 26.36 3.99 5.28
N LEU A 243 27.09 2.90 5.15
CA LEU A 243 27.96 2.43 6.23
C LEU A 243 29.21 3.29 6.17
N PHE A 244 30.29 2.87 6.82
CA PHE A 244 31.58 3.49 6.53
C PHE A 244 31.79 3.60 5.02
N ASN A 245 31.21 2.67 4.26
CA ASN A 245 31.13 2.80 2.82
C ASN A 245 29.98 3.74 2.44
N THR A 246 30.22 4.55 1.40
CA THR A 246 29.27 5.58 0.98
C THR A 246 28.51 5.08 -0.26
N ALA A 247 27.47 4.31 -0.02
CA ALA A 247 26.67 3.75 -1.09
C ALA A 247 25.50 4.66 -1.45
N GLN A 248 24.88 4.37 -2.59
CA GLN A 248 23.65 5.06 -3.00
C GLN A 248 23.00 4.24 -4.11
N TYR A 249 21.76 3.83 -3.90
CA TYR A 249 21.08 2.91 -4.79
C TYR A 249 19.72 3.48 -5.22
N LYS A 250 19.23 2.98 -6.36
CA LYS A 250 18.07 3.54 -7.02
C LYS A 250 16.96 2.50 -7.08
N CYS A 251 15.71 2.95 -6.92
CA CYS A 251 14.55 2.08 -7.05
C CYS A 251 13.33 2.91 -7.44
N PRO A 252 12.83 2.82 -8.67
CA PRO A 252 11.68 3.64 -9.06
C PRO A 252 10.41 3.22 -8.34
N VAL A 253 9.65 4.21 -7.88
CA VAL A 253 8.41 3.99 -7.14
C VAL A 253 7.19 4.53 -7.86
N ALA A 254 7.34 5.08 -9.06
CA ALA A 254 6.24 5.57 -9.85
C ALA A 254 6.76 5.95 -11.22
N MET A 255 5.92 5.78 -12.24
CA MET A 255 6.35 6.08 -13.60
C MET A 255 5.15 6.36 -14.48
N GLU A 256 5.27 7.40 -15.30
CA GLU A 256 4.28 7.73 -16.33
C GLU A 256 5.00 7.89 -17.65
N GLU A 257 4.55 7.14 -18.65
CA GLU A 257 5.11 7.22 -20.00
C GLU A 257 4.07 7.90 -20.88
N ALA A 258 4.20 9.21 -21.03
CA ALA A 258 3.29 9.99 -21.86
C ALA A 258 3.78 9.97 -23.30
N ASP A 259 2.92 9.51 -24.21
CA ASP A 259 3.26 9.43 -25.62
C ASP A 259 3.21 10.79 -26.32
N ASP A 260 3.09 11.88 -25.57
CA ASP A 260 3.10 13.19 -26.17
C ASP A 260 4.40 13.40 -26.94
N THR A 261 4.28 13.83 -28.19
CA THR A 261 5.41 13.93 -29.10
C THR A 261 5.55 15.36 -29.59
N VAL A 262 6.79 15.83 -29.63
CA VAL A 262 7.13 17.12 -30.22
C VAL A 262 8.05 16.82 -31.40
N ALA A 263 7.49 16.85 -32.61
CA ALA A 263 8.23 16.63 -33.84
C ALA A 263 9.24 17.76 -34.01
N PRO A 264 10.11 17.70 -35.02
CA PRO A 264 11.16 18.73 -35.15
C PRO A 264 10.58 20.13 -35.14
N SER A 265 11.25 21.02 -34.41
CA SER A 265 10.85 22.43 -34.31
C SER A 265 9.44 22.57 -33.74
N SER A 266 9.31 22.17 -32.48
CA SER A 266 8.05 22.29 -31.78
C SER A 266 8.27 22.72 -30.33
N THR A 267 7.35 23.54 -29.82
CA THR A 267 7.39 24.00 -28.44
C THR A 267 6.23 23.37 -27.67
N PHE A 268 6.52 22.87 -26.47
CA PHE A 268 5.64 21.96 -25.75
C PHE A 268 5.48 22.39 -24.30
N CYS A 269 4.34 22.02 -23.72
CA CYS A 269 4.12 22.23 -22.29
C CYS A 269 2.99 21.30 -21.85
N LYS A 270 3.27 20.44 -20.87
CA LYS A 270 2.22 19.57 -20.34
C LYS A 270 2.53 19.21 -18.90
N VAL A 271 1.48 19.05 -18.11
CA VAL A 271 1.58 18.68 -16.70
C VAL A 271 1.21 17.21 -16.57
N TYR A 272 2.06 16.43 -15.93
CA TYR A 272 1.83 15.02 -15.69
C TYR A 272 1.70 14.76 -14.20
N THR A 273 1.10 13.62 -13.85
CA THR A 273 0.77 13.30 -12.47
C THR A 273 1.34 11.93 -12.11
N LEU A 274 1.87 11.83 -10.90
CA LEU A 274 2.45 10.58 -10.42
C LEU A 274 2.33 10.50 -8.91
N THR A 275 1.65 9.47 -8.41
CA THR A 275 1.42 9.28 -6.97
C THR A 275 2.11 8.00 -6.52
N PRO A 276 3.33 8.10 -5.97
CA PRO A 276 3.98 6.89 -5.44
C PRO A 276 3.26 6.36 -4.22
N PHE A 277 2.74 5.14 -4.33
CA PHE A 277 2.10 4.47 -3.20
C PHE A 277 2.41 2.98 -3.27
N LEU A 278 2.28 2.33 -2.11
CA LEU A 278 2.73 0.96 -1.94
C LEU A 278 1.87 -0.06 -2.70
N ALA A 279 0.73 0.36 -3.25
CA ALA A 279 -0.17 -0.60 -3.87
C ALA A 279 0.55 -1.44 -4.92
N ASN A 280 1.28 -0.78 -5.82
CA ASN A 280 2.00 -1.45 -6.90
C ASN A 280 3.47 -1.68 -6.57
N ASN A 281 3.87 -1.45 -5.32
CA ASN A 281 5.26 -1.56 -4.89
C ASN A 281 5.44 -2.68 -3.88
N ARG A 282 4.80 -3.82 -4.12
CA ARG A 282 4.87 -4.97 -3.23
C ARG A 282 5.75 -6.07 -3.78
N GLU A 283 5.58 -6.45 -5.04
CA GLU A 283 6.36 -7.54 -5.61
C GLU A 283 7.85 -7.26 -5.53
N LYS A 284 8.25 -6.00 -5.56
CA LYS A 284 9.67 -5.63 -5.53
C LYS A 284 10.13 -5.55 -4.07
N ARG A 285 10.81 -6.60 -3.62
CA ARG A 285 11.30 -6.66 -2.26
C ARG A 285 12.47 -5.69 -2.06
N GLY A 286 12.74 -5.37 -0.81
CA GLY A 286 13.89 -4.59 -0.44
C GLY A 286 13.68 -3.09 -0.48
N LEU A 287 12.56 -2.62 -0.99
CA LEU A 287 12.29 -1.19 -0.97
C LEU A 287 12.28 -0.70 0.46
N ALA A 288 12.87 0.48 0.67
CA ALA A 288 12.98 1.04 2.02
C ALA A 288 11.59 1.45 2.48
N LEU A 289 10.99 0.63 3.34
CA LEU A 289 9.76 0.97 4.02
C LEU A 289 10.07 1.49 5.42
N ASP A 290 9.05 2.03 6.08
CA ASP A 290 9.26 2.56 7.42
C ASP A 290 9.51 1.40 8.39
N GLY A 291 9.70 1.74 9.66
CA GLY A 291 9.94 0.72 10.67
C GLY A 291 8.66 -0.03 10.99
N LYS A 292 8.78 -1.35 11.09
CA LYS A 292 7.67 -2.23 11.43
C LYS A 292 7.86 -2.78 12.83
N LEU A 293 6.76 -3.03 13.52
CA LEU A 293 6.83 -3.65 14.85
C LEU A 293 6.84 -5.16 14.76
N LYS A 294 5.78 -5.77 14.21
CA LYS A 294 5.81 -7.19 13.86
C LYS A 294 5.64 -7.40 12.36
N HIS A 295 4.49 -7.07 11.80
CA HIS A 295 4.33 -7.12 10.34
C HIS A 295 3.36 -6.09 9.80
N GLU A 296 2.80 -5.21 10.62
CA GLU A 296 1.76 -4.31 10.15
C GLU A 296 2.19 -3.59 8.88
N ASP A 297 1.23 -3.29 8.02
CA ASP A 297 1.52 -2.60 6.78
C ASP A 297 2.07 -1.20 7.06
N THR A 298 3.10 -0.82 6.31
CA THR A 298 3.74 0.47 6.45
C THR A 298 3.96 1.06 5.06
N ASN A 299 4.44 2.30 5.02
CA ASN A 299 4.54 3.09 3.80
C ASN A 299 6.01 3.24 3.38
N LEU A 300 6.21 3.84 2.22
CA LEU A 300 7.56 4.02 1.69
C LEU A 300 8.40 4.82 2.68
N ALA A 301 9.66 4.42 2.82
CA ALA A 301 10.55 5.06 3.77
C ALA A 301 10.51 6.56 3.63
N SER A 302 10.12 7.24 4.71
CA SER A 302 10.14 8.69 4.72
C SER A 302 11.55 9.18 4.41
N SER A 303 11.63 10.27 3.66
CA SER A 303 12.93 10.81 3.29
C SER A 303 13.74 11.13 4.54
N THR A 304 15.00 10.68 4.55
CA THR A 304 15.89 10.99 5.65
C THR A 304 16.29 12.45 5.60
N LEU A 305 16.52 13.03 6.78
CA LEU A 305 16.89 14.44 6.91
C LEU A 305 18.20 14.51 7.68
N LEU A 306 19.31 14.40 6.95
CA LEU A 306 20.63 14.49 7.56
C LEU A 306 20.89 15.91 8.04
N ARG A 307 21.52 16.03 9.21
CA ARG A 307 21.78 17.33 9.79
C ARG A 307 22.79 18.09 8.92
N GLU A 308 22.52 19.37 8.70
CA GLU A 308 23.38 20.22 7.87
C GLU A 308 23.59 19.60 6.49
N ASN A 311 27.68 18.20 7.77
CA ASN A 311 26.83 17.34 6.94
C ASN A 311 27.44 15.95 6.82
N ARG A 312 27.67 15.32 7.96
CA ARG A 312 28.22 13.97 7.98
C ARG A 312 27.26 12.98 7.32
N GLU A 313 27.83 11.97 6.67
CA GLU A 313 27.05 10.86 6.13
C GLU A 313 26.87 9.85 7.25
N ILE A 314 25.73 9.92 7.92
CA ILE A 314 25.50 9.12 9.12
C ILE A 314 25.50 7.65 8.76
N LEU A 315 26.22 6.85 9.57
CA LEU A 315 26.17 5.41 9.43
C LEU A 315 24.72 4.94 9.54
N GLY A 316 24.27 4.15 8.57
CA GLY A 316 22.90 3.69 8.51
C GLY A 316 22.26 4.09 7.19
N ILE A 317 20.95 3.95 7.15
CA ILE A 317 20.20 4.17 5.91
C ILE A 317 19.79 5.63 5.82
N ILE A 318 19.86 6.17 4.60
CA ILE A 318 19.40 7.51 4.28
C ILE A 318 18.51 7.39 3.05
N VAL A 319 17.50 8.26 2.96
CA VAL A 319 16.47 8.15 1.96
C VAL A 319 16.27 9.50 1.28
N SER A 320 16.04 9.47 -0.03
CA SER A 320 15.82 10.68 -0.81
C SER A 320 15.00 10.31 -2.04
N TYR A 321 14.40 11.32 -2.67
CA TYR A 321 13.58 11.10 -3.85
C TYR A 321 13.81 12.21 -4.86
N LYS A 322 13.94 11.83 -6.13
CA LYS A 322 14.15 12.76 -7.24
C LYS A 322 13.17 12.42 -8.34
N VAL A 323 12.38 13.41 -8.76
CA VAL A 323 11.54 13.26 -9.94
C VAL A 323 12.42 13.52 -11.16
N LYS A 324 12.50 12.53 -12.04
CA LYS A 324 13.41 12.56 -13.18
C LYS A 324 12.59 12.65 -14.46
N VAL A 325 12.42 13.87 -14.97
CA VAL A 325 11.79 14.08 -16.26
C VAL A 325 12.77 13.67 -17.35
N LYS A 326 12.24 13.23 -18.48
CA LYS A 326 13.05 12.70 -19.56
C LYS A 326 12.46 13.15 -20.89
N LEU A 327 13.26 13.03 -21.95
CA LEU A 327 12.78 13.36 -23.30
C LEU A 327 13.37 12.32 -24.25
N VAL A 328 12.53 11.36 -24.64
CA VAL A 328 12.98 10.33 -25.57
C VAL A 328 13.08 10.96 -26.96
N VAL A 329 14.29 11.35 -27.35
CA VAL A 329 14.55 12.02 -28.61
C VAL A 329 14.96 10.98 -29.64
N SER A 330 14.50 11.17 -30.88
CA SER A 330 14.83 10.23 -31.94
C SER A 330 16.31 10.35 -32.30
N ARG A 331 16.77 9.39 -33.09
CA ARG A 331 18.17 9.32 -33.52
C ARG A 331 18.23 9.30 -35.04
N GLY A 332 19.45 9.27 -35.57
CA GLY A 332 19.68 9.26 -37.00
C GLY A 332 20.48 10.47 -37.45
N GLY A 333 20.96 10.39 -38.69
CA GLY A 333 21.73 11.44 -39.30
C GLY A 333 23.15 10.98 -39.62
N LEU A 334 24.10 11.90 -39.44
CA LEU A 334 25.50 11.57 -39.71
C LEU A 334 25.98 10.43 -38.80
N LEU A 335 25.62 10.49 -37.53
CA LEU A 335 26.00 9.46 -36.57
C LEU A 335 24.98 8.33 -36.50
N GLY A 336 23.88 8.41 -37.25
CA GLY A 336 22.89 7.35 -37.21
C GLY A 336 22.34 7.16 -35.81
N ASP A 337 22.17 5.90 -35.43
CA ASP A 337 21.71 5.53 -34.09
C ASP A 337 22.86 5.27 -33.14
N LEU A 338 24.11 5.40 -33.60
CA LEU A 338 25.25 5.12 -32.72
C LEU A 338 25.30 6.08 -31.54
N ALA A 339 25.07 7.36 -31.79
CA ALA A 339 25.17 8.38 -30.76
C ALA A 339 23.80 8.57 -30.12
N SER A 340 23.66 8.15 -28.86
CA SER A 340 22.40 8.34 -28.15
C SER A 340 22.18 9.82 -27.86
N SER A 341 20.92 10.25 -28.02
CA SER A 341 20.54 11.64 -27.81
C SER A 341 19.57 11.77 -26.64
N ASP A 342 19.72 10.92 -25.62
CA ASP A 342 18.84 10.98 -24.46
C ASP A 342 19.06 12.26 -23.67
N VAL A 343 17.96 12.87 -23.24
CA VAL A 343 18.00 14.08 -22.42
C VAL A 343 17.14 13.84 -21.19
N ALA A 344 17.60 14.33 -20.05
CA ALA A 344 16.85 14.16 -18.81
C ALA A 344 17.16 15.31 -17.87
N VAL A 345 16.32 15.47 -16.87
CA VAL A 345 16.50 16.52 -15.85
C VAL A 345 15.82 16.05 -14.57
N GLU A 346 16.54 16.12 -13.46
CA GLU A 346 16.07 15.59 -12.19
C GLU A 346 15.87 16.72 -11.18
N LEU A 347 14.91 16.52 -10.28
CA LEU A 347 14.58 17.50 -9.26
C LEU A 347 14.39 16.80 -7.92
N PRO A 348 15.13 17.18 -6.88
CA PRO A 348 14.94 16.54 -5.58
C PRO A 348 13.75 17.08 -4.81
N PHE A 349 12.95 16.16 -4.26
CA PHE A 349 11.83 16.52 -3.41
C PHE A 349 11.89 15.64 -2.17
N THR A 350 10.84 15.69 -1.37
CA THR A 350 10.80 14.99 -0.08
C THR A 350 9.49 14.23 0.04
N LEU A 351 9.59 12.94 0.39
CA LEU A 351 8.43 12.07 0.56
C LEU A 351 8.38 11.64 2.03
N MET A 352 7.70 12.38 2.89
CA MET A 352 7.69 12.08 4.33
C MET A 352 6.23 12.02 4.73
N HIS A 353 5.88 11.91 6.02
CA HIS A 353 4.47 11.74 6.45
C HIS A 353 4.02 12.98 7.16
N PRO A 354 2.75 13.36 7.05
CA PRO A 354 2.35 14.59 7.66
C PRO A 354 2.23 14.39 9.17
N LYS A 355 3.28 14.65 9.92
CA LYS A 355 3.23 14.56 11.40
C LYS A 355 1.86 15.04 11.85
N PRO A 356 0.96 14.17 12.35
CA PRO A 356 -0.40 14.58 12.70
C PRO A 356 -0.41 15.60 13.85
N LYS A 357 -1.54 16.27 14.06
CA LYS A 357 -1.69 17.27 15.16
C LYS A 357 -1.76 16.53 16.49
N LEU B 1 42.65 -13.01 -22.80
CA LEU B 1 42.49 -13.55 -21.43
C LEU B 1 41.66 -14.83 -21.43
N ARG B 2 41.95 -15.73 -22.36
CA ARG B 2 41.22 -16.99 -22.41
C ARG B 2 41.42 -17.76 -21.12
N HIS B 3 40.32 -18.22 -20.54
CA HIS B 3 40.40 -18.95 -19.29
C HIS B 3 41.29 -20.18 -19.45
N GLN B 4 41.95 -20.56 -18.35
CA GLN B 4 42.89 -21.68 -18.41
C GLN B 4 42.23 -22.96 -18.90
N SER B 5 40.92 -23.11 -18.70
CA SER B 5 40.23 -24.26 -19.26
C SER B 5 40.34 -24.27 -20.78
N LEU B 6 40.18 -23.10 -21.41
CA LEU B 6 40.35 -23.02 -22.86
C LEU B 6 41.82 -23.07 -23.25
N SER B 7 42.71 -22.61 -22.38
CA SER B 7 44.14 -22.64 -22.68
C SER B 7 44.60 -24.08 -22.85
N TYR B 8 45.37 -24.32 -23.92
CA TYR B 8 45.85 -25.65 -24.26
C TYR B 8 47.30 -25.80 -23.82
N ARG B 9 47.58 -26.86 -23.06
CA ARG B 9 48.89 -27.09 -22.48
C ARG B 9 49.55 -28.27 -23.20
N CYS B 10 50.55 -27.97 -24.03
CA CYS B 10 51.34 -28.99 -24.70
C CYS B 10 52.70 -28.40 -25.04
N PRO B 11 53.71 -29.23 -25.29
CA PRO B 11 55.04 -28.70 -25.60
C PRO B 11 55.05 -27.77 -26.81
N CYS B 12 54.22 -28.03 -27.81
CA CYS B 12 54.20 -27.24 -29.04
C CYS B 12 52.82 -26.64 -29.25
N ARG B 13 52.80 -25.36 -29.65
CA ARG B 13 51.59 -24.69 -30.08
C ARG B 13 51.72 -24.13 -31.49
N PHE B 14 52.88 -24.27 -32.12
CA PHE B 14 53.11 -23.76 -33.46
C PHE B 14 54.23 -24.56 -34.09
N GLU C 4 -12.26 21.40 3.29
CA GLU C 4 -12.56 20.29 4.16
C GLU C 4 -12.84 19.03 3.36
N VAL C 5 -12.90 17.89 4.04
CA VAL C 5 -13.17 16.62 3.36
C VAL C 5 -14.60 16.63 2.86
N GLN C 6 -14.79 16.25 1.60
CA GLN C 6 -16.10 16.21 0.99
C GLN C 6 -16.12 15.12 -0.07
N LEU C 7 -17.12 14.25 0.00
CA LEU C 7 -17.33 13.20 -0.97
C LEU C 7 -18.61 13.51 -1.75
N VAL C 8 -18.49 13.56 -3.07
CA VAL C 8 -19.62 13.84 -3.96
C VAL C 8 -19.98 12.54 -4.66
N GLU C 9 -21.19 12.05 -4.41
CA GLU C 9 -21.67 10.81 -5.00
C GLU C 9 -22.53 11.12 -6.23
N SER C 10 -22.30 10.36 -7.30
CA SER C 10 -23.04 10.57 -8.53
C SER C 10 -23.12 9.25 -9.28
N GLY C 11 -24.09 9.18 -10.21
CA GLY C 11 -24.21 8.01 -11.07
C GLY C 11 -25.32 7.06 -10.67
N GLY C 12 -26.42 7.60 -10.19
CA GLY C 12 -27.55 6.78 -9.76
C GLY C 12 -28.82 7.14 -10.51
N GLY C 13 -29.58 6.13 -10.86
CA GLY C 13 -30.82 6.35 -11.58
C GLY C 13 -31.48 5.04 -11.93
N LEU C 14 -32.63 5.16 -12.59
CA LEU C 14 -33.40 3.98 -12.98
C LEU C 14 -32.55 3.05 -13.82
N VAL C 15 -32.61 1.76 -13.51
CA VAL C 15 -31.93 0.74 -14.29
C VAL C 15 -32.67 -0.58 -14.11
N GLN C 16 -32.97 -1.24 -15.21
CA GLN C 16 -33.71 -2.48 -15.14
C GLN C 16 -32.89 -3.56 -14.45
N PRO C 17 -33.54 -4.57 -13.88
CA PRO C 17 -32.79 -5.67 -13.27
C PRO C 17 -31.86 -6.32 -14.28
N GLY C 18 -30.67 -6.68 -13.82
CA GLY C 18 -29.62 -7.15 -14.70
C GLY C 18 -28.78 -6.05 -15.30
N GLY C 19 -29.13 -4.79 -15.07
CA GLY C 19 -28.34 -3.67 -15.54
C GLY C 19 -27.18 -3.37 -14.60
N SER C 20 -26.53 -2.23 -14.87
CA SER C 20 -25.35 -1.85 -14.10
C SER C 20 -25.24 -0.35 -14.05
N LEU C 21 -24.77 0.16 -12.91
CA LEU C 21 -24.45 1.58 -12.76
C LEU C 21 -23.01 1.71 -12.31
N ARG C 22 -22.56 2.94 -12.12
CA ARG C 22 -21.18 3.19 -11.70
C ARG C 22 -21.20 4.42 -10.80
N LEU C 23 -21.27 4.20 -9.50
CA LEU C 23 -21.24 5.30 -8.56
C LEU C 23 -19.84 5.90 -8.53
N SER C 24 -19.77 7.22 -8.60
CA SER C 24 -18.52 7.95 -8.51
C SER C 24 -18.57 8.79 -7.24
N CYS C 25 -17.55 8.63 -6.40
CA CYS C 25 -17.43 9.34 -5.13
C CYS C 25 -16.18 10.20 -5.25
N ALA C 26 -16.36 11.43 -5.72
CA ALA C 26 -15.26 12.36 -5.87
C ALA C 26 -14.83 12.84 -4.50
N ALA C 27 -13.54 12.70 -4.20
CA ALA C 27 -12.99 13.01 -2.89
C ALA C 27 -12.22 14.33 -2.96
N SER C 28 -12.56 15.25 -2.07
CA SER C 28 -11.85 16.52 -1.96
C SER C 28 -11.47 16.74 -0.52
N GLY C 29 -10.39 17.49 -0.31
CA GLY C 29 -9.88 17.74 1.02
C GLY C 29 -9.00 16.65 1.58
N PHE C 30 -8.95 15.49 0.94
CA PHE C 30 -8.06 14.41 1.36
C PHE C 30 -7.75 13.57 0.13
N ASN C 31 -6.70 12.78 0.24
CA ASN C 31 -6.27 11.92 -0.85
C ASN C 31 -6.87 10.53 -0.68
N VAL C 32 -7.44 10.01 -1.76
CA VAL C 32 -8.00 8.66 -1.71
C VAL C 32 -6.94 7.66 -1.28
N SER C 33 -5.67 7.97 -1.51
CA SER C 33 -4.60 7.04 -1.18
C SER C 33 -4.50 6.81 0.32
N SER C 34 -4.68 7.87 1.11
CA SER C 34 -4.40 7.85 2.54
C SER C 34 -5.65 7.60 3.37
N SER C 35 -6.58 6.79 2.88
CA SER C 35 -7.79 6.52 3.63
C SER C 35 -8.48 5.28 3.06
N TYR C 36 -9.43 4.77 3.83
CA TYR C 36 -10.35 3.74 3.35
C TYR C 36 -11.61 4.41 2.82
N ILE C 37 -12.09 3.93 1.67
CA ILE C 37 -13.32 4.41 1.07
C ILE C 37 -14.32 3.28 1.13
N HIS C 38 -15.44 3.48 1.81
CA HIS C 38 -16.49 2.50 1.97
C HIS C 38 -17.75 2.93 1.21
N TRP C 39 -18.53 1.94 0.82
CA TRP C 39 -19.86 2.16 0.25
C TRP C 39 -20.87 1.37 1.07
N VAL C 40 -21.95 2.03 1.46
CA VAL C 40 -22.96 1.48 2.37
C VAL C 40 -24.34 1.78 1.79
N ARG C 41 -25.16 0.75 1.61
CA ARG C 41 -26.47 0.90 0.98
C ARG C 41 -27.56 0.63 2.01
N GLN C 42 -28.53 1.54 2.10
CA GLN C 42 -29.70 1.38 2.96
C GLN C 42 -30.92 1.24 2.07
N ALA C 43 -31.59 0.10 2.17
CA ALA C 43 -32.76 -0.19 1.36
C ALA C 43 -33.99 0.52 1.91
N PRO C 44 -35.05 0.64 1.12
CA PRO C 44 -36.27 1.27 1.62
C PRO C 44 -36.80 0.55 2.84
N GLY C 45 -37.10 1.32 3.89
CA GLY C 45 -37.64 0.74 5.11
C GLY C 45 -36.76 -0.33 5.72
N LYS C 46 -35.45 -0.10 5.76
CA LYS C 46 -34.52 -1.06 6.34
C LYS C 46 -33.32 -0.31 6.89
N GLY C 47 -32.44 -1.06 7.55
CA GLY C 47 -31.24 -0.49 8.14
C GLY C 47 -30.08 -0.46 7.17
N LEU C 48 -28.92 -0.05 7.69
CA LEU C 48 -27.73 0.03 6.87
C LEU C 48 -27.23 -1.37 6.53
N GLU C 49 -26.39 -1.43 5.50
CA GLU C 49 -25.82 -2.70 5.05
C GLU C 49 -24.50 -2.39 4.35
N TRP C 50 -23.39 -2.59 5.05
CA TRP C 50 -22.09 -2.32 4.48
C TRP C 50 -21.94 -3.06 3.15
N VAL C 51 -21.42 -2.37 2.13
CA VAL C 51 -21.31 -2.90 0.79
C VAL C 51 -19.86 -3.19 0.43
N ALA C 52 -18.99 -2.17 0.51
CA ALA C 52 -17.63 -2.36 0.03
C ALA C 52 -16.68 -1.40 0.75
N SER C 53 -15.39 -1.67 0.62
CA SER C 53 -14.35 -0.82 1.20
C SER C 53 -13.05 -1.05 0.43
N ILE C 54 -12.24 0.00 0.34
CA ILE C 54 -10.99 -0.03 -0.42
C ILE C 54 -9.95 0.85 0.24
N SER C 55 -8.70 0.40 0.22
CA SER C 55 -7.53 1.20 0.61
C SER C 55 -6.64 1.34 -0.61
N SER C 56 -6.51 2.58 -1.11
CA SER C 56 -5.81 2.79 -2.38
C SER C 56 -4.30 2.63 -2.23
N TYR C 57 -3.72 3.20 -1.17
CA TYR C 57 -2.26 3.16 -1.04
C TYR C 57 -1.75 1.73 -1.00
N TYR C 58 -2.39 0.88 -0.21
CA TYR C 58 -2.04 -0.54 -0.18
C TYR C 58 -2.82 -1.35 -1.20
N GLY C 59 -3.79 -0.75 -1.88
CA GLY C 59 -4.52 -1.45 -2.92
C GLY C 59 -5.26 -2.68 -2.42
N TYR C 60 -5.96 -2.56 -1.30
CA TYR C 60 -6.74 -3.65 -0.75
C TYR C 60 -8.23 -3.37 -0.91
N THR C 61 -9.01 -4.45 -0.99
CA THR C 61 -10.45 -4.34 -1.17
C THR C 61 -11.16 -5.36 -0.29
N TYR C 62 -12.28 -4.94 0.28
CA TYR C 62 -13.15 -5.81 1.06
C TYR C 62 -14.58 -5.62 0.56
N TYR C 63 -15.35 -6.70 0.51
CA TYR C 63 -16.70 -6.67 -0.02
C TYR C 63 -17.64 -7.41 0.91
N ALA C 64 -18.88 -6.93 0.96
CA ALA C 64 -19.90 -7.59 1.77
C ALA C 64 -20.35 -8.88 1.09
N ASP C 65 -21.07 -9.70 1.86
CA ASP C 65 -21.54 -10.98 1.33
C ASP C 65 -22.52 -10.77 0.17
N SER C 66 -23.41 -9.77 0.30
CA SER C 66 -24.44 -9.57 -0.69
C SER C 66 -23.90 -9.10 -2.03
N VAL C 67 -22.69 -8.54 -2.07
CA VAL C 67 -22.13 -7.98 -3.30
C VAL C 67 -20.76 -8.59 -3.58
N LYS C 68 -20.55 -9.82 -3.13
CA LYS C 68 -19.24 -10.44 -3.24
C LYS C 68 -18.95 -10.86 -4.67
N GLY C 69 -18.75 -9.88 -5.56
CA GLY C 69 -18.42 -10.16 -6.94
C GLY C 69 -19.15 -9.28 -7.92
N ARG C 70 -20.34 -8.80 -7.54
CA ARG C 70 -21.14 -7.96 -8.41
C ARG C 70 -20.77 -6.49 -8.35
N PHE C 71 -19.94 -6.09 -7.39
CA PHE C 71 -19.47 -4.72 -7.25
C PHE C 71 -17.95 -4.72 -7.32
N THR C 72 -17.39 -3.72 -8.02
CA THR C 72 -15.99 -3.72 -8.42
C THR C 72 -15.32 -2.40 -8.03
N ILE C 73 -15.46 -2.02 -6.75
CA ILE C 73 -14.90 -0.77 -6.28
C ILE C 73 -13.45 -0.62 -6.73
N SER C 74 -13.07 0.61 -7.05
CA SER C 74 -11.69 0.95 -7.42
C SER C 74 -11.52 2.44 -7.17
N ALA C 75 -10.37 2.98 -7.59
CA ALA C 75 -10.13 4.40 -7.36
C ALA C 75 -9.12 4.91 -8.38
N ASP C 76 -9.13 6.23 -8.55
CA ASP C 76 -8.15 6.93 -9.37
C ASP C 76 -7.57 8.08 -8.55
N THR C 77 -6.25 8.03 -8.32
CA THR C 77 -5.61 9.07 -7.53
C THR C 77 -5.43 10.35 -8.35
N SER C 78 -5.25 10.22 -9.66
CA SER C 78 -5.07 11.41 -10.49
C SER C 78 -6.26 12.34 -10.36
N LYS C 79 -7.47 11.80 -10.47
CA LYS C 79 -8.69 12.57 -10.25
C LYS C 79 -9.11 12.57 -8.79
N ASN C 80 -8.44 11.81 -7.93
CA ASN C 80 -8.75 11.74 -6.51
C ASN C 80 -10.22 11.38 -6.31
N THR C 81 -10.60 10.21 -6.82
CA THR C 81 -11.99 9.79 -6.80
C THR C 81 -12.05 8.28 -6.60
N ALA C 82 -13.17 7.82 -6.06
CA ALA C 82 -13.47 6.40 -5.94
C ALA C 82 -14.59 6.04 -6.90
N TYR C 83 -14.58 4.81 -7.40
CA TYR C 83 -15.53 4.35 -8.40
C TYR C 83 -16.06 2.99 -7.99
N LEU C 84 -17.28 2.95 -7.47
CA LEU C 84 -17.95 1.70 -7.15
C LEU C 84 -18.79 1.31 -8.35
N GLN C 85 -18.24 0.45 -9.18
CA GLN C 85 -19.07 -0.16 -10.21
C GLN C 85 -20.13 -1.02 -9.54
N MET C 86 -21.26 -1.21 -10.23
CA MET C 86 -22.35 -2.01 -9.69
C MET C 86 -22.94 -2.78 -10.86
N ASN C 87 -22.48 -4.01 -11.04
CA ASN C 87 -22.89 -4.84 -12.16
C ASN C 87 -24.00 -5.79 -11.74
N SER C 88 -24.90 -6.06 -12.67
CA SER C 88 -26.00 -7.00 -12.45
C SER C 88 -26.80 -6.59 -11.21
N LEU C 89 -27.11 -5.30 -11.12
CA LEU C 89 -27.94 -4.81 -10.03
C LEU C 89 -29.25 -5.59 -9.96
N ARG C 90 -29.45 -6.33 -8.88
CA ARG C 90 -30.66 -7.11 -8.69
C ARG C 90 -31.72 -6.28 -7.96
N ALA C 91 -32.91 -6.87 -7.81
CA ALA C 91 -34.01 -6.13 -7.20
C ALA C 91 -33.68 -5.70 -5.78
N GLU C 92 -33.05 -6.58 -5.01
CA GLU C 92 -32.70 -6.24 -3.64
C GLU C 92 -31.78 -5.04 -3.57
N ASP C 93 -30.99 -4.80 -4.62
CA ASP C 93 -30.01 -3.72 -4.61
C ASP C 93 -30.66 -2.34 -4.58
N THR C 94 -31.96 -2.25 -4.89
CA THR C 94 -32.66 -0.98 -4.77
C THR C 94 -32.40 -0.39 -3.40
N ALA C 95 -31.73 0.76 -3.37
CA ALA C 95 -31.33 1.33 -2.09
C ALA C 95 -30.79 2.73 -2.31
N VAL C 96 -30.60 3.47 -1.23
CA VAL C 96 -30.06 4.82 -1.29
C VAL C 96 -28.60 4.71 -0.87
N TYR C 97 -27.72 4.56 -1.85
CA TYR C 97 -26.32 4.27 -1.56
C TYR C 97 -25.61 5.49 -1.00
N TYR C 98 -24.60 5.23 -0.17
CA TYR C 98 -23.81 6.26 0.48
C TYR C 98 -22.33 5.91 0.34
N CYS C 99 -21.51 6.95 0.22
CA CYS C 99 -20.06 6.84 0.20
C CYS C 99 -19.52 7.41 1.50
N ALA C 100 -18.75 6.61 2.25
CA ALA C 100 -18.15 7.03 3.50
C ALA C 100 -16.66 6.73 3.44
N ARG C 101 -15.93 7.09 4.48
CA ARG C 101 -14.49 6.85 4.46
C ARG C 101 -13.93 6.92 5.87
N LYS C 102 -12.71 6.39 6.02
CA LYS C 102 -11.99 6.37 7.28
C LYS C 102 -10.57 6.87 7.04
N SER C 103 -10.23 7.99 7.65
CA SER C 103 -8.88 8.53 7.53
C SER C 103 -7.91 7.55 8.15
N MET C 104 -6.97 7.06 7.35
CA MET C 104 -6.01 6.08 7.83
C MET C 104 -4.92 6.71 8.68
N TYR C 105 -5.05 7.97 9.10
CA TYR C 105 -4.01 8.64 9.87
C TYR C 105 -4.20 8.35 11.35
N HIS C 106 -3.32 7.53 11.90
CA HIS C 106 -3.29 7.29 13.33
C HIS C 106 -2.98 8.58 14.07
N ARG C 107 -3.59 8.74 15.26
CA ARG C 107 -3.27 9.89 16.09
C ARG C 107 -1.79 9.92 16.46
N GLY C 108 -1.11 8.78 16.40
CA GLY C 108 0.32 8.73 16.60
C GLY C 108 1.07 8.95 15.31
N TRP C 109 1.90 7.99 14.91
CA TRP C 109 2.67 8.16 13.68
C TRP C 109 1.79 7.81 12.49
N GLY C 110 2.39 7.60 11.32
CA GLY C 110 1.71 7.81 10.07
C GLY C 110 0.34 7.17 9.93
N TRP C 111 0.27 5.86 9.84
CA TRP C 111 -0.99 5.20 9.47
C TRP C 111 -1.29 4.04 10.38
N LEU C 112 -2.53 4.02 10.89
CA LEU C 112 -3.08 2.85 11.59
C LEU C 112 -3.76 1.99 10.53
N SER C 113 -2.92 1.25 9.80
CA SER C 113 -3.39 0.49 8.65
C SER C 113 -4.26 -0.70 9.01
N TRP C 114 -4.60 -0.91 10.28
CA TRP C 114 -5.31 -2.10 10.71
C TRP C 114 -6.48 -1.74 11.63
N VAL C 115 -7.25 -0.73 11.25
CA VAL C 115 -8.40 -0.27 12.02
C VAL C 115 -9.69 -0.39 11.23
N TYR C 116 -9.71 0.11 10.00
CA TYR C 116 -10.93 0.19 9.22
C TYR C 116 -12.06 0.79 10.07
N GLY C 117 -11.70 1.74 10.91
CA GLY C 117 -12.56 2.18 11.99
C GLY C 117 -13.82 2.88 11.54
N ALA C 118 -14.40 3.68 12.42
CA ALA C 118 -15.65 4.34 12.12
C ALA C 118 -15.52 5.26 10.91
N MET C 119 -16.50 5.19 10.01
CA MET C 119 -16.49 5.94 8.77
C MET C 119 -16.91 7.37 9.09
N ASP C 120 -15.92 8.22 9.37
CA ASP C 120 -16.21 9.55 9.89
C ASP C 120 -17.05 10.36 8.92
N TYR C 121 -16.63 10.43 7.66
CA TYR C 121 -17.24 11.34 6.68
C TYR C 121 -18.09 10.55 5.70
N TRP C 122 -19.36 10.93 5.61
CA TRP C 122 -20.34 10.29 4.75
C TRP C 122 -20.77 11.23 3.64
N GLY C 123 -20.76 10.74 2.40
CA GLY C 123 -21.30 11.51 1.31
C GLY C 123 -22.81 11.47 1.30
N GLN C 124 -23.40 12.39 0.53
CA GLN C 124 -24.85 12.54 0.55
C GLN C 124 -25.54 11.23 0.26
N GLY C 125 -25.11 10.53 -0.79
CA GLY C 125 -25.67 9.24 -1.12
C GLY C 125 -26.89 9.39 -1.99
N THR C 126 -26.91 8.69 -3.13
CA THR C 126 -27.94 8.88 -4.13
C THR C 126 -28.81 7.63 -4.23
N LEU C 127 -30.05 7.83 -4.66
CA LEU C 127 -30.97 6.73 -4.87
C LEU C 127 -30.51 5.88 -6.04
N VAL C 128 -30.69 4.56 -5.91
CA VAL C 128 -30.41 3.61 -6.96
C VAL C 128 -31.58 2.66 -7.04
N THR C 129 -32.19 2.55 -8.22
CA THR C 129 -33.42 1.80 -8.41
C THR C 129 -33.15 0.60 -9.32
N VAL C 130 -33.90 -0.47 -9.09
CA VAL C 130 -33.83 -1.66 -9.91
C VAL C 130 -35.26 -2.17 -10.09
N SER C 131 -35.82 -1.98 -11.29
CA SER C 131 -37.19 -2.37 -11.55
C SER C 131 -37.41 -2.44 -13.05
N SER C 132 -37.91 -3.58 -13.53
CA SER C 132 -38.21 -3.73 -14.94
C SER C 132 -39.58 -3.14 -15.26
N ALA C 133 -39.78 -1.88 -14.89
CA ALA C 133 -41.05 -1.19 -15.12
C ALA C 133 -40.80 0.07 -15.93
N SER C 134 -41.55 0.23 -17.02
CA SER C 134 -41.46 1.42 -17.83
C SER C 134 -42.21 2.56 -17.16
N THR C 135 -41.81 3.79 -17.50
CA THR C 135 -42.45 4.95 -16.92
C THR C 135 -43.94 4.94 -17.22
N LYS C 136 -44.74 5.33 -16.22
CA LYS C 136 -46.18 5.40 -16.39
C LYS C 136 -46.73 6.49 -15.49
N GLY C 137 -47.83 7.09 -15.91
CA GLY C 137 -48.57 8.01 -15.09
C GLY C 137 -49.49 7.25 -14.16
N PRO C 138 -50.07 7.95 -13.19
CA PRO C 138 -50.99 7.31 -12.25
C PRO C 138 -52.41 7.22 -12.78
N SER C 139 -53.25 6.56 -11.97
CA SER C 139 -54.68 6.56 -12.15
C SER C 139 -55.34 6.94 -10.83
N VAL C 140 -56.38 7.76 -10.90
CA VAL C 140 -57.02 8.32 -9.71
C VAL C 140 -58.42 7.76 -9.60
N PHE C 141 -58.76 7.26 -8.41
CA PHE C 141 -60.10 6.79 -8.11
C PHE C 141 -60.61 7.44 -6.83
N PRO C 142 -61.91 7.68 -6.72
CA PRO C 142 -62.46 8.37 -5.56
C PRO C 142 -62.79 7.42 -4.41
N LEU C 143 -63.06 8.01 -3.25
CA LEU C 143 -63.48 7.26 -2.07
C LEU C 143 -64.36 8.18 -1.25
N ALA C 144 -65.65 7.90 -1.21
CA ALA C 144 -66.65 8.73 -0.53
C ALA C 144 -67.44 7.88 0.46
N PRO C 145 -68.02 8.51 1.48
CA PRO C 145 -68.83 7.76 2.47
C PRO C 145 -70.16 7.30 1.90
N THR C 154 -68.40 13.35 11.88
CA THR C 154 -67.11 13.30 11.21
C THR C 154 -67.11 12.21 10.14
N ALA C 155 -66.95 12.62 8.88
CA ALA C 155 -66.92 11.72 7.74
C ALA C 155 -65.60 11.87 7.00
N ALA C 156 -65.00 10.73 6.65
CA ALA C 156 -63.73 10.71 5.94
C ALA C 156 -63.96 10.46 4.46
N LEU C 157 -63.00 10.92 3.65
CA LEU C 157 -63.05 10.73 2.20
C LEU C 157 -61.61 10.73 1.70
N GLY C 158 -61.43 10.34 0.44
CA GLY C 158 -60.08 10.28 -0.07
C GLY C 158 -60.02 10.02 -1.56
N CYS C 159 -58.79 10.08 -2.08
CA CYS C 159 -58.48 9.74 -3.46
C CYS C 159 -57.29 8.80 -3.49
N LEU C 160 -57.40 7.78 -4.35
CA LEU C 160 -56.42 6.72 -4.47
C LEU C 160 -55.67 6.87 -5.78
N VAL C 161 -54.34 6.94 -5.70
CA VAL C 161 -53.46 7.08 -6.85
C VAL C 161 -52.74 5.75 -7.01
N LYS C 162 -53.07 5.02 -8.07
CA LYS C 162 -52.59 3.67 -8.25
C LYS C 162 -51.86 3.55 -9.58
N ASP C 163 -50.90 2.61 -9.62
CA ASP C 163 -50.17 2.27 -10.84
C ASP C 163 -49.46 3.51 -11.40
N TYR C 164 -48.49 3.97 -10.63
CA TYR C 164 -47.63 5.08 -11.03
C TYR C 164 -46.18 4.68 -10.89
N PHE C 165 -45.34 5.27 -11.72
CA PHE C 165 -43.91 4.96 -11.74
C PHE C 165 -43.18 5.98 -12.60
N PRO C 166 -41.97 6.41 -12.22
CA PRO C 166 -41.24 6.13 -10.98
C PRO C 166 -41.64 7.10 -9.87
N GLU C 167 -40.87 7.16 -8.78
CA GLU C 167 -41.14 8.12 -7.75
C GLU C 167 -40.80 9.53 -8.22
N PRO C 168 -41.40 10.57 -7.63
CA PRO C 168 -42.50 10.58 -6.66
C PRO C 168 -43.82 10.99 -7.31
N VAL C 169 -44.87 11.20 -6.52
CA VAL C 169 -46.14 11.71 -7.03
C VAL C 169 -46.64 12.78 -6.08
N THR C 170 -47.21 13.85 -6.64
CA THR C 170 -47.71 14.97 -5.86
C THR C 170 -49.23 14.92 -5.81
N VAL C 171 -49.80 15.32 -4.67
CA VAL C 171 -51.24 15.38 -4.50
C VAL C 171 -51.59 16.64 -3.73
N SER C 172 -52.77 17.19 -4.03
CA SER C 172 -53.23 18.40 -3.38
C SER C 172 -54.75 18.39 -3.33
N TRP C 173 -55.30 19.22 -2.44
CA TRP C 173 -56.75 19.36 -2.28
C TRP C 173 -57.10 20.83 -2.44
N ASN C 174 -58.03 21.11 -3.36
CA ASN C 174 -58.46 22.48 -3.61
C ASN C 174 -57.27 23.39 -3.93
N SER C 180 -55.48 20.65 6.31
CA SER C 180 -56.01 20.22 7.59
C SER C 180 -56.54 18.79 7.49
N GLY C 181 -55.95 17.89 8.28
CA GLY C 181 -56.38 16.51 8.27
C GLY C 181 -56.02 15.75 7.02
N VAL C 182 -55.02 16.21 6.28
CA VAL C 182 -54.60 15.58 5.03
C VAL C 182 -53.36 14.73 5.32
N HIS C 183 -53.43 13.45 4.95
CA HIS C 183 -52.35 12.51 5.17
C HIS C 183 -52.07 11.73 3.90
N THR C 184 -50.79 11.38 3.70
CA THR C 184 -50.35 10.60 2.56
C THR C 184 -49.58 9.40 3.05
N PHE C 185 -49.76 8.27 2.37
CA PHE C 185 -49.14 7.02 2.77
C PHE C 185 -47.97 6.71 1.86
N PRO C 186 -46.80 6.34 2.40
CA PRO C 186 -45.64 6.09 1.53
C PRO C 186 -45.98 5.05 0.48
N ALA C 187 -45.49 5.30 -0.74
CA ALA C 187 -45.77 4.40 -1.84
C ALA C 187 -45.27 3.00 -1.52
N VAL C 188 -46.11 2.00 -1.82
CA VAL C 188 -45.79 0.61 -1.57
C VAL C 188 -45.71 -0.10 -2.91
N LEU C 189 -44.56 -0.68 -3.20
CA LEU C 189 -44.36 -1.35 -4.48
C LEU C 189 -45.36 -2.47 -4.67
N GLN C 190 -46.26 -2.32 -5.63
CA GLN C 190 -47.21 -3.38 -5.94
C GLN C 190 -46.48 -4.57 -6.56
N SER C 191 -47.08 -5.75 -6.42
CA SER C 191 -46.48 -6.95 -7.00
C SER C 191 -46.26 -6.80 -8.49
N SER C 192 -47.09 -6.01 -9.17
CA SER C 192 -46.92 -5.81 -10.60
C SER C 192 -45.58 -5.14 -10.91
N GLY C 193 -45.19 -4.15 -10.11
CA GLY C 193 -43.96 -3.43 -10.32
C GLY C 193 -44.13 -1.94 -10.15
N LEU C 194 -45.35 -1.45 -10.38
CA LEU C 194 -45.65 -0.04 -10.20
C LEU C 194 -45.80 0.25 -8.72
N TYR C 195 -46.18 1.48 -8.38
CA TYR C 195 -46.38 1.91 -7.01
C TYR C 195 -47.86 2.19 -6.79
N SER C 196 -48.19 2.65 -5.59
CA SER C 196 -49.56 2.99 -5.24
C SER C 196 -49.57 3.73 -3.93
N LEU C 197 -50.60 4.55 -3.74
CA LEU C 197 -50.71 5.36 -2.52
C LEU C 197 -52.08 6.02 -2.54
N SER C 198 -52.37 6.78 -1.49
CA SER C 198 -53.66 7.44 -1.39
C SER C 198 -53.54 8.62 -0.43
N SER C 199 -54.54 9.50 -0.48
CA SER C 199 -54.66 10.58 0.48
C SER C 199 -56.11 10.65 0.93
N VAL C 200 -56.32 11.17 2.13
CA VAL C 200 -57.64 11.25 2.73
C VAL C 200 -57.76 12.53 3.54
N VAL C 201 -59.00 12.87 3.90
CA VAL C 201 -59.28 14.02 4.75
C VAL C 201 -60.62 13.78 5.42
N THR C 202 -60.77 14.30 6.64
CA THR C 202 -61.99 14.17 7.42
C THR C 202 -62.65 15.53 7.57
N VAL C 203 -63.96 15.58 7.32
CA VAL C 203 -64.72 16.81 7.45
C VAL C 203 -66.03 16.49 8.15
N PRO C 204 -66.60 17.40 8.93
CA PRO C 204 -67.91 17.14 9.54
C PRO C 204 -68.97 16.85 8.47
N SER C 205 -69.88 15.92 8.80
CA SER C 205 -70.93 15.57 7.86
C SER C 205 -71.84 16.74 7.55
N SER C 206 -71.91 17.73 8.43
CA SER C 206 -72.78 18.89 8.18
C SER C 206 -72.35 19.64 6.92
N SER C 207 -71.04 19.82 6.74
CA SER C 207 -70.50 20.54 5.60
C SER C 207 -70.19 19.63 4.42
N LEU C 208 -70.46 18.33 4.53
CA LEU C 208 -70.21 17.39 3.44
C LEU C 208 -70.95 17.82 2.18
N THR C 212 -67.94 20.59 -1.45
CA THR C 212 -67.14 20.18 -2.59
C THR C 212 -65.66 20.09 -2.21
N TYR C 213 -65.02 18.99 -2.62
CA TYR C 213 -63.62 18.75 -2.32
C TYR C 213 -62.99 18.09 -3.54
N ILE C 214 -62.01 18.76 -4.14
CA ILE C 214 -61.41 18.33 -5.40
C ILE C 214 -59.98 17.88 -5.11
N CYS C 215 -59.64 16.68 -5.57
CA CYS C 215 -58.32 16.10 -5.36
C CYS C 215 -57.54 16.15 -6.67
N ASN C 216 -56.39 16.80 -6.64
CA ASN C 216 -55.55 16.99 -7.83
C ASN C 216 -54.27 16.18 -7.66
N VAL C 217 -53.96 15.36 -8.67
CA VAL C 217 -52.81 14.47 -8.63
C VAL C 217 -51.91 14.82 -9.80
N ASN C 218 -50.61 14.95 -9.52
CA ASN C 218 -49.62 15.34 -10.51
C ASN C 218 -48.44 14.37 -10.46
N HIS C 219 -47.79 14.21 -11.61
CA HIS C 219 -46.66 13.31 -11.75
C HIS C 219 -45.69 13.93 -12.75
N LYS C 220 -44.49 14.28 -12.27
CA LYS C 220 -43.52 15.02 -13.07
C LYS C 220 -42.77 14.12 -14.04
N PRO C 221 -42.24 12.98 -13.59
CA PRO C 221 -41.52 12.10 -14.54
C PRO C 221 -42.26 11.81 -15.83
N SER C 222 -43.59 11.93 -15.84
CA SER C 222 -44.38 11.81 -17.05
C SER C 222 -45.07 13.10 -17.44
N ASN C 223 -45.01 14.14 -16.61
CA ASN C 223 -45.64 15.43 -16.89
C ASN C 223 -47.14 15.24 -17.13
N THR C 224 -47.81 14.71 -16.12
CA THR C 224 -49.24 14.40 -16.21
C THR C 224 -49.95 14.93 -14.98
N LYS C 225 -51.23 15.25 -15.15
CA LYS C 225 -52.04 15.75 -14.05
C LYS C 225 -53.48 15.32 -14.26
N VAL C 226 -54.21 15.16 -13.16
CA VAL C 226 -55.61 14.78 -13.18
C VAL C 226 -56.30 15.40 -11.99
N ASP C 227 -57.61 15.63 -12.12
CA ASP C 227 -58.44 16.14 -11.05
C ASP C 227 -59.65 15.24 -10.89
N LYS C 228 -60.02 14.96 -9.64
CA LYS C 228 -61.14 14.08 -9.34
C LYS C 228 -62.02 14.73 -8.29
N LYS C 229 -63.31 14.41 -8.35
CA LYS C 229 -64.30 14.93 -7.43
C LYS C 229 -64.87 13.79 -6.60
N VAL C 230 -65.06 14.05 -5.31
CA VAL C 230 -65.55 13.04 -4.37
C VAL C 230 -66.70 13.66 -3.58
N GLU C 231 -67.82 12.94 -3.50
CA GLU C 231 -68.96 13.39 -2.72
C GLU C 231 -70.01 12.28 -2.62
N ASP D 2 -18.27 -14.47 8.91
CA ASP D 2 -19.27 -13.43 9.09
C ASP D 2 -19.63 -13.28 10.57
N ILE D 3 -20.11 -12.10 10.94
CA ILE D 3 -20.48 -11.80 12.32
C ILE D 3 -21.84 -11.11 12.33
N GLN D 4 -22.52 -11.23 13.46
CA GLN D 4 -23.84 -10.62 13.64
C GLN D 4 -23.87 -9.89 14.98
N MET D 5 -24.53 -8.73 14.99
CA MET D 5 -24.75 -7.96 16.21
C MET D 5 -26.19 -8.15 16.64
N THR D 6 -26.39 -8.50 17.90
CA THR D 6 -27.73 -8.74 18.43
C THR D 6 -28.28 -7.46 19.08
N GLN D 7 -28.35 -6.41 18.27
CA GLN D 7 -28.88 -5.15 18.75
C GLN D 7 -30.32 -5.32 19.21
N SER D 8 -30.67 -4.67 20.31
CA SER D 8 -32.02 -4.74 20.86
C SER D 8 -32.25 -3.51 21.72
N PRO D 9 -33.51 -3.12 21.93
CA PRO D 9 -34.75 -3.71 21.40
C PRO D 9 -34.99 -3.35 19.94
N SER D 10 -35.88 -4.07 19.25
CA SER D 10 -36.16 -3.76 17.86
C SER D 10 -36.67 -2.32 17.72
N SER D 11 -37.43 -1.85 18.70
CA SER D 11 -37.93 -0.48 18.67
C SER D 11 -38.49 -0.10 20.04
N LEU D 12 -38.11 1.08 20.52
CA LEU D 12 -38.57 1.56 21.82
C LEU D 12 -39.08 2.99 21.69
N SER D 13 -40.09 3.31 22.48
CA SER D 13 -40.68 4.63 22.51
C SER D 13 -40.23 5.34 23.78
N ALA D 14 -39.73 6.56 23.62
CA ALA D 14 -39.19 7.32 24.74
C ALA D 14 -39.66 8.76 24.63
N SER D 15 -39.70 9.43 25.79
CA SER D 15 -40.10 10.81 25.88
C SER D 15 -38.87 11.70 26.03
N VAL D 16 -39.10 13.01 26.09
CA VAL D 16 -37.99 13.96 26.24
C VAL D 16 -37.33 13.75 27.59
N GLY D 17 -36.01 13.55 27.57
CA GLY D 17 -35.26 13.35 28.78
C GLY D 17 -35.22 11.93 29.29
N ASP D 18 -35.97 11.02 28.67
CA ASP D 18 -35.94 9.63 29.08
C ASP D 18 -34.57 9.03 28.81
N ARG D 19 -34.14 8.15 29.72
CA ARG D 19 -32.83 7.50 29.61
C ARG D 19 -32.99 6.25 28.74
N VAL D 20 -32.60 6.36 27.48
CA VAL D 20 -32.72 5.25 26.55
C VAL D 20 -31.43 4.42 26.59
N THR D 21 -31.60 3.11 26.41
CA THR D 21 -30.47 2.19 26.41
C THR D 21 -30.67 1.17 25.30
N ILE D 22 -29.66 1.02 24.46
CA ILE D 22 -29.69 0.08 23.34
C ILE D 22 -28.51 -0.86 23.51
N THR D 23 -28.81 -2.14 23.72
CA THR D 23 -27.76 -3.14 23.81
C THR D 23 -27.32 -3.57 22.42
N CYS D 24 -26.14 -4.18 22.36
CA CYS D 24 -25.60 -4.67 21.10
C CYS D 24 -24.61 -5.77 21.47
N ARG D 25 -25.04 -7.03 21.35
CA ARG D 25 -24.23 -8.17 21.76
C ARG D 25 -23.52 -8.73 20.55
N ALA D 26 -22.23 -8.40 20.42
CA ALA D 26 -21.43 -8.99 19.36
C ALA D 26 -21.42 -10.51 19.52
N SER D 27 -21.67 -11.22 18.41
CA SER D 27 -21.68 -12.68 18.45
C SER D 27 -20.28 -13.25 18.71
N GLN D 28 -19.23 -12.44 18.61
CA GLN D 28 -17.87 -12.92 18.83
C GLN D 28 -17.13 -11.97 19.77
N SER D 29 -15.83 -12.16 19.91
CA SER D 29 -15.01 -11.34 20.80
C SER D 29 -14.58 -10.09 20.05
N VAL D 30 -15.23 -8.97 20.34
CA VAL D 30 -14.88 -7.69 19.75
C VAL D 30 -13.90 -6.99 20.68
N SER D 31 -13.10 -6.08 20.11
CA SER D 31 -12.01 -5.46 20.85
C SER D 31 -12.19 -3.94 20.95
N SER D 32 -13.40 -3.50 21.30
CA SER D 32 -13.69 -2.07 21.43
C SER D 32 -13.50 -1.37 20.08
N ALA D 33 -14.11 -1.94 19.05
CA ALA D 33 -14.11 -1.39 17.71
C ALA D 33 -15.53 -1.32 17.17
N VAL D 34 -16.44 -0.84 18.01
CA VAL D 34 -17.86 -0.75 17.68
C VAL D 34 -18.21 0.72 17.49
N ALA D 35 -18.99 1.00 16.44
CA ALA D 35 -19.37 2.35 16.10
C ALA D 35 -20.90 2.44 16.00
N TRP D 36 -21.43 3.59 16.40
CA TRP D 36 -22.87 3.83 16.45
C TRP D 36 -23.21 5.06 15.63
N TYR D 37 -24.30 4.97 14.88
CA TYR D 37 -24.71 6.01 13.95
C TYR D 37 -26.10 6.53 14.32
N GLN D 38 -26.62 7.42 13.47
CA GLN D 38 -27.98 7.95 13.63
C GLN D 38 -28.47 8.32 12.24
N GLN D 39 -29.25 7.42 11.63
CA GLN D 39 -29.72 7.61 10.25
C GLN D 39 -31.14 8.15 10.29
N LYS D 40 -31.25 9.48 10.32
CA LYS D 40 -32.56 10.09 10.15
C LYS D 40 -33.09 9.73 8.76
N PRO D 41 -34.40 9.59 8.61
CA PRO D 41 -34.93 9.11 7.33
C PRO D 41 -34.49 9.99 6.17
N GLY D 42 -34.09 9.34 5.08
CA GLY D 42 -33.66 10.05 3.89
C GLY D 42 -32.20 10.46 3.92
N LYS D 43 -31.74 10.94 5.07
CA LYS D 43 -30.38 11.45 5.18
C LYS D 43 -29.40 10.30 5.32
N ALA D 44 -28.14 10.62 5.64
CA ALA D 44 -27.08 9.62 5.70
C ALA D 44 -26.64 9.38 7.15
N PRO D 45 -26.10 8.20 7.44
CA PRO D 45 -25.69 7.90 8.82
C PRO D 45 -24.66 8.89 9.32
N LYS D 46 -25.00 9.59 10.40
CA LYS D 46 -24.09 10.54 11.04
C LYS D 46 -23.38 9.80 12.16
N LEU D 47 -22.10 9.54 11.97
CA LEU D 47 -21.33 8.79 12.96
C LEU D 47 -21.36 9.50 14.31
N LEU D 48 -21.58 8.72 15.37
CA LEU D 48 -21.65 9.25 16.72
C LEU D 48 -20.53 8.74 17.61
N ILE D 49 -20.36 7.42 17.73
CA ILE D 49 -19.40 6.82 18.63
C ILE D 49 -18.52 5.88 17.82
N TYR D 50 -17.28 5.70 18.28
CA TYR D 50 -16.35 4.81 17.62
C TYR D 50 -15.43 4.19 18.66
N SER D 51 -14.90 3.02 18.32
CA SER D 51 -14.08 2.21 19.20
C SER D 51 -14.81 1.78 20.46
N ALA D 52 -16.14 1.93 20.50
CA ALA D 52 -16.95 1.46 21.61
C ALA D 52 -16.74 2.33 22.84
N SER D 53 -15.83 3.30 22.76
CA SER D 53 -15.56 4.17 23.90
C SER D 53 -15.21 5.60 23.51
N SER D 54 -15.13 5.91 22.22
CA SER D 54 -14.68 7.22 21.75
C SER D 54 -15.84 7.98 21.16
N LEU D 55 -16.11 9.17 21.68
CA LEU D 55 -17.15 10.04 21.17
C LEU D 55 -16.59 10.86 20.02
N TYR D 56 -17.18 10.69 18.83
CA TYR D 56 -16.71 11.39 17.66
C TYR D 56 -16.88 12.90 17.82
N SER D 57 -15.98 13.65 17.19
CA SER D 57 -15.97 15.09 17.35
C SER D 57 -17.29 15.70 16.90
N GLY D 58 -17.76 16.69 17.67
CA GLY D 58 -18.98 17.41 17.34
C GLY D 58 -20.25 16.73 17.79
N VAL D 59 -20.19 15.48 18.22
CA VAL D 59 -21.37 14.74 18.65
C VAL D 59 -21.75 15.21 20.05
N PRO D 60 -23.04 15.27 20.40
CA PRO D 60 -23.41 15.63 21.76
C PRO D 60 -22.85 14.65 22.78
N SER D 61 -22.47 15.17 23.94
CA SER D 61 -21.88 14.34 24.98
C SER D 61 -22.87 13.36 25.61
N ARG D 62 -24.17 13.54 25.37
CA ARG D 62 -25.16 12.66 26.00
C ARG D 62 -24.97 11.21 25.56
N PHE D 63 -24.70 10.99 24.29
CA PHE D 63 -24.41 9.64 23.82
C PHE D 63 -23.22 9.08 24.60
N SER D 64 -23.37 7.86 25.10
CA SER D 64 -22.28 7.21 25.84
C SER D 64 -22.22 5.75 25.44
N GLY D 65 -21.08 5.32 24.90
CA GLY D 65 -20.87 3.93 24.57
C GLY D 65 -20.07 3.26 25.67
N SER D 66 -20.47 2.05 26.04
CA SER D 66 -19.82 1.28 27.08
C SER D 66 -19.64 -0.15 26.61
N ARG D 67 -18.54 -0.75 27.04
CA ARG D 67 -18.22 -2.14 26.72
C ARG D 67 -18.23 -2.97 27.99
N SER D 68 -18.76 -4.19 27.89
CA SER D 68 -18.85 -5.13 29.01
C SER D 68 -18.36 -6.50 28.56
N GLY D 69 -17.21 -6.52 27.90
CA GLY D 69 -16.72 -7.73 27.27
C GLY D 69 -17.13 -7.76 25.81
N THR D 70 -18.21 -8.49 25.50
CA THR D 70 -18.78 -8.50 24.16
C THR D 70 -20.23 -8.04 24.19
N ASP D 71 -20.54 -7.06 25.04
CA ASP D 71 -21.89 -6.51 25.19
C ASP D 71 -21.75 -4.98 25.18
N PHE D 72 -21.83 -4.39 23.99
CA PHE D 72 -21.66 -2.95 23.83
C PHE D 72 -23.01 -2.28 23.98
N THR D 73 -23.12 -1.36 24.94
CA THR D 73 -24.37 -0.67 25.22
C THR D 73 -24.21 0.81 24.92
N LEU D 74 -25.14 1.36 24.17
CA LEU D 74 -25.19 2.79 23.90
C LEU D 74 -26.33 3.39 24.70
N THR D 75 -26.01 4.42 25.48
CA THR D 75 -26.97 5.03 26.38
C THR D 75 -27.14 6.50 26.03
N ILE D 76 -28.39 6.93 26.00
CA ILE D 76 -28.77 8.32 25.84
C ILE D 76 -29.36 8.75 27.17
N SER D 77 -28.55 9.44 27.99
CA SER D 77 -28.97 9.76 29.35
C SER D 77 -30.15 10.73 29.36
N SER D 78 -30.07 11.81 28.59
CA SER D 78 -31.10 12.83 28.53
C SER D 78 -31.56 12.93 27.08
N LEU D 79 -32.57 12.14 26.73
CA LEU D 79 -33.06 12.14 25.36
C LEU D 79 -33.59 13.53 24.99
N GLN D 80 -33.36 13.91 23.74
CA GLN D 80 -33.77 15.19 23.20
C GLN D 80 -34.49 14.99 21.88
N PRO D 81 -35.30 15.96 21.45
CA PRO D 81 -36.14 15.73 20.26
C PRO D 81 -35.36 15.29 19.03
N GLU D 82 -34.17 15.86 18.81
CA GLU D 82 -33.42 15.52 17.62
C GLU D 82 -33.03 14.04 17.59
N ASP D 83 -32.97 13.39 18.74
CA ASP D 83 -32.59 11.98 18.81
C ASP D 83 -33.81 11.07 18.71
N PHE D 84 -34.63 11.29 17.69
CA PHE D 84 -35.74 10.40 17.34
C PHE D 84 -35.44 9.89 15.94
N ALA D 85 -34.62 8.84 15.88
CA ALA D 85 -34.16 8.27 14.62
C ALA D 85 -33.60 6.90 14.93
N THR D 86 -33.26 6.17 13.89
CA THR D 86 -32.69 4.84 14.10
C THR D 86 -31.26 4.97 14.61
N TYR D 87 -30.72 3.86 15.11
CA TYR D 87 -29.35 3.80 15.57
C TYR D 87 -28.80 2.41 15.31
N TYR D 88 -27.59 2.35 14.75
CA TYR D 88 -27.02 1.08 14.28
C TYR D 88 -25.61 0.91 14.87
N CYS D 89 -25.49 0.05 15.86
CA CYS D 89 -24.15 -0.32 16.33
C CYS D 89 -23.42 -1.05 15.21
N GLN D 90 -22.16 -0.68 14.99
CA GLN D 90 -21.37 -1.24 13.90
C GLN D 90 -20.01 -1.66 14.42
N GLN D 91 -19.71 -2.94 14.32
CA GLN D 91 -18.39 -3.45 14.69
C GLN D 91 -17.43 -3.23 13.52
N SER D 92 -16.28 -2.63 13.81
CA SER D 92 -15.23 -2.47 12.82
C SER D 92 -14.02 -3.34 13.12
N TYR D 93 -14.10 -4.21 14.13
CA TYR D 93 -12.94 -5.01 14.50
C TYR D 93 -12.53 -5.95 13.37
N TYR D 94 -13.48 -6.59 12.72
CA TYR D 94 -13.23 -7.57 11.67
C TYR D 94 -13.86 -7.12 10.37
N TYR D 95 -13.76 -7.99 9.36
CA TYR D 95 -14.41 -7.82 8.07
C TYR D 95 -15.34 -9.01 7.80
N PRO D 96 -16.44 -8.80 7.08
CA PRO D 96 -16.96 -7.52 6.59
C PRO D 96 -17.62 -6.74 7.71
N ILE D 97 -17.59 -5.41 7.67
CA ILE D 97 -18.24 -4.62 8.71
C ILE D 97 -19.71 -5.01 8.78
N THR D 98 -20.27 -4.98 9.98
CA THR D 98 -21.65 -5.36 10.20
C THR D 98 -22.31 -4.36 11.14
N PHE D 99 -23.58 -4.11 10.91
CA PHE D 99 -24.37 -3.18 11.70
C PHE D 99 -25.37 -3.95 12.56
N GLY D 100 -25.93 -3.25 13.53
CA GLY D 100 -27.03 -3.81 14.31
C GLY D 100 -28.27 -3.93 13.46
N GLN D 101 -29.43 -4.03 14.09
CA GLN D 101 -30.70 -4.12 13.38
C GLN D 101 -31.42 -2.78 13.33
N GLY D 102 -30.78 -1.71 13.81
CA GLY D 102 -31.47 -0.44 13.94
C GLY D 102 -32.41 -0.49 15.11
N THR D 103 -32.68 0.65 15.73
CA THR D 103 -33.61 0.71 16.85
C THR D 103 -34.26 2.09 16.84
N LYS D 104 -35.40 2.20 16.16
CA LYS D 104 -36.07 3.48 16.04
C LYS D 104 -36.48 4.00 17.41
N VAL D 105 -36.39 5.32 17.56
CA VAL D 105 -36.80 5.97 18.81
C VAL D 105 -38.02 6.82 18.50
N GLU D 106 -39.21 6.25 18.68
CA GLU D 106 -40.45 6.95 18.38
C GLU D 106 -40.79 7.89 19.54
N ILE D 107 -42.01 8.44 19.52
CA ILE D 107 -42.50 9.29 20.59
C ILE D 107 -43.58 8.53 21.34
N LYS D 108 -43.69 8.81 22.63
CA LYS D 108 -44.64 8.13 23.51
C LYS D 108 -45.76 9.08 23.89
N ARG D 109 -46.99 8.57 23.85
CA ARG D 109 -48.16 9.35 24.24
C ARG D 109 -49.18 8.40 24.85
N THR D 110 -50.38 8.91 25.12
CA THR D 110 -51.46 8.07 25.64
C THR D 110 -51.98 7.14 24.54
N VAL D 111 -52.45 5.97 24.96
CA VAL D 111 -52.96 4.99 24.01
C VAL D 111 -54.33 5.44 23.53
N ALA D 112 -54.47 5.60 22.22
CA ALA D 112 -55.73 5.97 21.60
C ALA D 112 -56.08 4.95 20.52
N ALA D 113 -57.31 4.45 20.54
CA ALA D 113 -57.71 3.43 19.59
C ALA D 113 -57.80 4.03 18.20
N PRO D 114 -57.57 3.21 17.17
CA PRO D 114 -57.68 3.72 15.79
C PRO D 114 -59.11 4.03 15.43
N SER D 115 -59.26 4.98 14.50
CA SER D 115 -60.53 5.26 13.87
C SER D 115 -60.61 4.46 12.58
N VAL D 116 -61.69 3.70 12.42
CA VAL D 116 -61.82 2.72 11.33
C VAL D 116 -62.72 3.30 10.26
N PHE D 117 -62.29 3.16 9.01
CA PHE D 117 -63.09 3.56 7.85
C PHE D 117 -63.01 2.48 6.79
N ILE D 118 -64.12 2.24 6.10
CA ILE D 118 -64.22 1.24 5.06
C ILE D 118 -64.68 1.96 3.79
N PHE D 119 -63.91 1.81 2.71
CA PHE D 119 -64.20 2.54 1.47
C PHE D 119 -64.49 1.57 0.34
N PRO D 120 -65.76 1.37 -0.02
CA PRO D 120 -66.05 0.51 -1.17
C PRO D 120 -65.43 1.06 -2.43
N PRO D 121 -64.91 0.20 -3.30
CA PRO D 121 -64.25 0.71 -4.51
C PRO D 121 -65.21 1.48 -5.40
N SER D 122 -64.70 2.53 -6.03
CA SER D 122 -65.49 3.31 -6.97
C SER D 122 -65.72 2.52 -8.25
N ASP D 123 -66.79 2.88 -8.97
CA ASP D 123 -67.12 2.21 -10.21
C ASP D 123 -66.05 2.39 -11.28
N SER D 124 -65.18 3.39 -11.13
CA SER D 124 -64.18 3.65 -12.15
C SER D 124 -63.25 2.45 -12.32
N GLN D 125 -62.78 1.87 -11.21
CA GLN D 125 -61.90 0.71 -11.32
C GLN D 125 -62.64 -0.50 -11.87
N LEU D 126 -63.90 -0.70 -11.44
CA LEU D 126 -64.69 -1.80 -11.99
C LEU D 126 -64.80 -1.68 -13.50
N LYS D 127 -64.99 -0.45 -14.00
CA LYS D 127 -64.92 -0.23 -15.44
C LYS D 127 -63.53 -0.57 -15.98
N SER D 128 -62.49 -0.22 -15.21
CA SER D 128 -61.14 -0.60 -15.61
C SER D 128 -60.99 -2.12 -15.64
N GLY D 129 -61.56 -2.81 -14.67
CA GLY D 129 -61.58 -4.26 -14.67
C GLY D 129 -61.13 -4.90 -13.38
N THR D 130 -61.01 -4.10 -12.31
CA THR D 130 -60.57 -4.61 -11.02
C THR D 130 -61.27 -3.83 -9.91
N ALA D 131 -61.03 -4.26 -8.67
CA ALA D 131 -61.52 -3.57 -7.50
C ALA D 131 -60.43 -3.56 -6.44
N SER D 132 -60.44 -2.54 -5.60
CA SER D 132 -59.43 -2.38 -4.54
C SER D 132 -60.16 -1.98 -3.27
N VAL D 133 -60.51 -2.97 -2.45
CA VAL D 133 -61.20 -2.70 -1.20
C VAL D 133 -60.21 -2.12 -0.20
N VAL D 134 -60.59 -1.01 0.43
CA VAL D 134 -59.69 -0.23 1.28
C VAL D 134 -60.25 -0.17 2.68
N CYS D 135 -59.44 -0.59 3.65
CA CYS D 135 -59.73 -0.47 5.08
C CYS D 135 -58.68 0.45 5.68
N LEU D 136 -59.12 1.53 6.32
CA LEU D 136 -58.23 2.58 6.80
C LEU D 136 -58.31 2.68 8.31
N LEU D 137 -57.15 2.65 8.97
CA LEU D 137 -57.01 2.98 10.37
C LEU D 137 -56.33 4.34 10.46
N ASN D 138 -56.93 5.26 11.22
CA ASN D 138 -56.43 6.63 11.26
C ASN D 138 -56.33 7.11 12.71
N ASN D 139 -55.31 7.91 12.99
CA ASN D 139 -55.17 8.58 14.29
C ASN D 139 -55.12 7.56 15.42
N PHE D 140 -54.07 6.74 15.40
CA PHE D 140 -53.90 5.68 16.38
C PHE D 140 -52.46 5.62 16.85
N TYR D 141 -52.26 5.04 18.04
CA TYR D 141 -50.95 4.90 18.63
C TYR D 141 -51.00 3.76 19.63
N PRO D 142 -49.97 2.90 19.70
CA PRO D 142 -48.76 2.84 18.87
C PRO D 142 -49.00 2.09 17.57
N ARG D 143 -47.94 1.81 16.82
CA ARG D 143 -48.09 1.15 15.52
C ARG D 143 -48.76 -0.21 15.64
N GLU D 144 -48.74 -0.81 16.82
CA GLU D 144 -49.29 -2.15 16.99
C GLU D 144 -50.78 -2.16 16.68
N ALA D 145 -51.16 -2.77 15.55
CA ALA D 145 -52.56 -2.90 15.16
C ALA D 145 -52.68 -3.90 14.03
N LYS D 146 -53.58 -4.87 14.18
CA LYS D 146 -53.76 -5.93 13.19
C LYS D 146 -55.09 -5.77 12.49
N VAL D 147 -55.12 -6.12 11.20
CA VAL D 147 -56.32 -6.04 10.38
C VAL D 147 -56.47 -7.34 9.60
N GLN D 148 -57.69 -7.84 9.55
CA GLN D 148 -58.01 -9.05 8.80
C GLN D 148 -59.21 -8.78 7.90
N TRP D 149 -59.29 -9.54 6.81
CA TRP D 149 -60.34 -9.38 5.81
C TRP D 149 -61.26 -10.58 5.83
N LYS D 150 -62.56 -10.33 5.68
CA LYS D 150 -63.56 -11.37 5.62
C LYS D 150 -64.50 -11.11 4.46
N VAL D 151 -64.96 -12.18 3.83
CA VAL D 151 -65.83 -12.07 2.67
C VAL D 151 -67.15 -12.77 2.95
N ASN D 159 -52.92 -11.21 0.46
CA ASN D 159 -52.98 -10.34 -0.71
C ASN D 159 -53.31 -8.90 -0.30
N SER D 160 -53.08 -8.58 0.97
CA SER D 160 -53.34 -7.25 1.51
C SER D 160 -52.02 -6.55 1.76
N GLN D 161 -51.90 -5.31 1.29
CA GLN D 161 -50.70 -4.50 1.47
C GLN D 161 -51.02 -3.35 2.40
N GLU D 162 -50.22 -3.20 3.45
CA GLU D 162 -50.39 -2.16 4.44
C GLU D 162 -49.29 -1.11 4.28
N SER D 163 -49.54 0.07 4.86
CA SER D 163 -48.60 1.18 4.75
C SER D 163 -48.85 2.11 5.94
N VAL D 164 -47.91 2.13 6.88
CA VAL D 164 -48.01 2.97 8.06
C VAL D 164 -47.24 4.26 7.80
N THR D 165 -47.92 5.39 7.92
CA THR D 165 -47.26 6.67 7.68
C THR D 165 -46.30 6.98 8.82
N GLU D 166 -45.42 7.95 8.56
CA GLU D 166 -44.50 8.41 9.59
C GLU D 166 -45.28 9.11 10.70
N GLN D 167 -44.72 9.09 11.90
CA GLN D 167 -45.39 9.66 13.05
C GLN D 167 -45.74 11.12 12.81
N ASP D 168 -46.97 11.49 13.15
CA ASP D 168 -47.41 12.86 12.97
C ASP D 168 -46.74 13.78 13.99
N SER D 169 -46.67 15.07 13.63
CA SER D 169 -45.97 16.02 14.48
C SER D 169 -46.78 16.37 15.71
N LYS D 170 -47.99 16.91 15.52
CA LYS D 170 -48.80 17.36 16.64
C LYS D 170 -49.08 16.23 17.61
N ASP D 171 -49.81 15.21 17.16
CA ASP D 171 -50.15 14.06 17.98
C ASP D 171 -49.33 12.86 17.53
N SER D 172 -48.73 12.16 18.49
CA SER D 172 -47.90 10.99 18.18
C SER D 172 -48.81 9.81 17.84
N THR D 173 -49.50 9.96 16.71
CA THR D 173 -50.42 8.97 16.18
C THR D 173 -49.91 8.48 14.83
N TYR D 174 -50.70 7.64 14.17
CA TYR D 174 -50.28 7.03 12.92
C TYR D 174 -51.51 6.70 12.08
N SER D 175 -51.26 6.36 10.82
CA SER D 175 -52.31 5.96 9.90
C SER D 175 -51.82 4.76 9.10
N LEU D 176 -52.69 3.79 8.91
CA LEU D 176 -52.40 2.59 8.13
C LEU D 176 -53.54 2.37 7.14
N SER D 177 -53.19 1.89 5.95
CA SER D 177 -54.17 1.63 4.91
C SER D 177 -53.91 0.24 4.34
N SER D 178 -54.89 -0.65 4.47
CA SER D 178 -54.81 -1.98 3.90
C SER D 178 -55.73 -2.04 2.69
N THR D 179 -55.16 -2.28 1.51
CA THR D 179 -55.91 -2.35 0.27
C THR D 179 -55.75 -3.73 -0.32
N LEU D 180 -56.86 -4.42 -0.54
CA LEU D 180 -56.87 -5.74 -1.15
C LEU D 180 -57.43 -5.62 -2.56
N THR D 181 -56.66 -6.09 -3.53
CA THR D 181 -57.01 -5.96 -4.94
C THR D 181 -57.56 -7.29 -5.46
N LEU D 182 -58.67 -7.22 -6.18
CA LEU D 182 -59.33 -8.40 -6.70
C LEU D 182 -59.80 -8.15 -8.13
N SER D 183 -59.87 -9.22 -8.91
CA SER D 183 -60.42 -9.16 -10.24
C SER D 183 -61.95 -9.07 -10.16
N LYS D 184 -62.54 -8.32 -11.09
CA LYS D 184 -63.98 -8.11 -11.05
C LYS D 184 -64.73 -9.42 -11.12
N ALA D 185 -64.32 -10.33 -12.02
CA ALA D 185 -65.01 -11.60 -12.17
C ALA D 185 -64.99 -12.39 -10.87
N ASP D 186 -63.81 -12.49 -10.24
CA ASP D 186 -63.71 -13.21 -8.98
C ASP D 186 -64.23 -12.37 -7.81
N TYR D 187 -64.06 -11.05 -7.87
CA TYR D 187 -64.53 -10.20 -6.77
C TYR D 187 -66.03 -10.28 -6.61
N GLU D 188 -66.77 -10.26 -7.73
CA GLU D 188 -68.22 -10.22 -7.66
C GLU D 188 -68.81 -11.46 -6.98
N LYS D 189 -68.07 -12.57 -6.96
CA LYS D 189 -68.60 -13.79 -6.36
C LYS D 189 -69.00 -13.56 -4.91
N HIS D 190 -68.12 -12.94 -4.12
CA HIS D 190 -68.44 -12.61 -2.75
C HIS D 190 -69.36 -11.40 -2.70
N LYS D 191 -70.28 -11.40 -1.73
CA LYS D 191 -71.25 -10.32 -1.57
C LYS D 191 -70.89 -9.38 -0.42
N VAL D 192 -70.48 -9.93 0.72
CA VAL D 192 -70.20 -9.15 1.92
C VAL D 192 -68.69 -9.04 2.07
N TYR D 193 -68.18 -7.81 2.12
CA TYR D 193 -66.77 -7.55 2.37
C TYR D 193 -66.62 -6.76 3.65
N ALA D 194 -65.75 -7.21 4.54
CA ALA D 194 -65.56 -6.55 5.82
C ALA D 194 -64.11 -6.66 6.24
N CYS D 195 -63.70 -5.73 7.10
CA CYS D 195 -62.37 -5.77 7.72
C CYS D 195 -62.53 -5.64 9.23
N GLU D 196 -61.82 -6.49 9.96
CA GLU D 196 -61.82 -6.50 11.41
C GLU D 196 -60.45 -6.05 11.91
N VAL D 197 -60.44 -5.05 12.79
CA VAL D 197 -59.22 -4.46 13.30
C VAL D 197 -59.15 -4.68 14.79
N THR D 198 -57.97 -5.05 15.28
CA THR D 198 -57.71 -5.21 16.70
C THR D 198 -56.48 -4.39 17.07
N HIS D 199 -56.61 -3.61 18.13
CA HIS D 199 -55.54 -2.75 18.62
C HIS D 199 -55.38 -2.97 20.12
N GLN D 200 -54.13 -2.84 20.60
CA GLN D 200 -53.88 -3.02 22.01
C GLN D 200 -54.69 -2.07 22.87
N GLY D 201 -55.05 -0.91 22.32
CA GLY D 201 -55.91 0.05 22.99
C GLY D 201 -57.39 -0.17 22.79
N LEU D 202 -57.78 -1.23 22.09
CA LEU D 202 -59.18 -1.56 21.86
C LEU D 202 -59.58 -2.74 22.73
N SER D 203 -60.71 -2.58 23.43
CA SER D 203 -61.18 -3.66 24.29
C SER D 203 -61.50 -4.93 23.49
N SER D 204 -62.16 -4.77 22.36
CA SER D 204 -62.53 -5.89 21.50
C SER D 204 -62.30 -5.48 20.05
N PRO D 205 -62.12 -6.45 19.15
CA PRO D 205 -61.98 -6.12 17.73
C PRO D 205 -63.21 -5.41 17.21
N VAL D 206 -62.99 -4.47 16.29
CA VAL D 206 -64.05 -3.71 15.64
C VAL D 206 -64.06 -4.08 14.17
N THR D 207 -65.23 -4.47 13.67
CA THR D 207 -65.37 -4.93 12.29
C THR D 207 -66.30 -3.98 11.53
N LYS D 208 -65.85 -3.55 10.35
CA LYS D 208 -66.66 -2.73 9.45
C LYS D 208 -66.92 -3.53 8.19
N SER D 209 -68.19 -3.62 7.81
CA SER D 209 -68.62 -4.46 6.70
C SER D 209 -69.48 -3.66 5.74
N PHE D 210 -69.66 -4.21 4.54
CA PHE D 210 -70.52 -3.62 3.53
C PHE D 210 -70.81 -4.68 2.47
N ASN D 211 -71.68 -4.34 1.54
CA ASN D 211 -72.08 -5.22 0.46
C ASN D 211 -71.69 -4.63 -0.89
N ARG D 212 -71.38 -5.51 -1.82
CA ARG D 212 -70.97 -5.13 -3.17
C ARG D 212 -71.87 -4.05 -3.75
N CYS E 36 55.54 -37.91 -19.79
CA CYS E 36 54.83 -37.11 -18.80
C CYS E 36 53.69 -37.92 -18.19
N PRO E 37 53.85 -38.44 -16.96
CA PRO E 37 52.74 -39.14 -16.32
C PRO E 37 51.54 -38.23 -16.07
N ASN E 38 50.44 -38.81 -15.60
CA ASN E 38 49.25 -38.04 -15.28
C ASN E 38 49.31 -37.52 -13.85
N MET E 39 48.61 -36.42 -13.61
CA MET E 39 48.63 -35.79 -12.29
C MET E 39 47.82 -36.62 -11.30
N PRO E 40 48.40 -37.06 -10.18
CA PRO E 40 47.64 -37.89 -9.24
C PRO E 40 46.41 -37.20 -8.66
N ASN E 41 46.61 -36.02 -8.06
CA ASN E 41 45.55 -35.32 -7.34
C ASN E 41 44.89 -34.23 -8.17
N LYS E 42 44.84 -34.40 -9.50
CA LYS E 42 44.16 -33.42 -10.32
C LYS E 42 42.67 -33.35 -9.98
N SER E 43 42.02 -34.50 -9.81
CA SER E 43 40.58 -34.51 -9.55
C SER E 43 40.25 -33.86 -8.21
N VAL E 44 41.04 -34.15 -7.17
CA VAL E 44 40.76 -33.59 -5.85
C VAL E 44 40.88 -32.08 -5.89
N LEU E 45 41.96 -31.57 -6.49
CA LEU E 45 42.14 -30.12 -6.60
C LEU E 45 41.02 -29.50 -7.42
N LEU E 46 40.64 -30.15 -8.52
CA LEU E 46 39.57 -29.62 -9.34
C LEU E 46 38.26 -29.53 -8.56
N TYR E 47 37.95 -30.55 -7.77
CA TYR E 47 36.73 -30.53 -6.98
C TYR E 47 36.77 -29.46 -5.90
N THR E 48 37.92 -29.30 -5.24
CA THR E 48 38.04 -28.26 -4.22
C THR E 48 37.83 -26.87 -4.85
N LEU E 49 38.54 -26.59 -5.93
CA LEU E 49 38.38 -25.32 -6.61
C LEU E 49 37.00 -25.18 -7.23
N SER E 50 36.32 -26.29 -7.52
CA SER E 50 34.96 -26.21 -8.04
C SER E 50 33.99 -25.81 -6.93
N PHE E 51 34.18 -26.32 -5.72
CA PHE E 51 33.42 -25.82 -4.59
C PHE E 51 33.70 -24.34 -4.35
N ILE E 52 34.96 -23.95 -4.45
CA ILE E 52 35.30 -22.53 -4.30
C ILE E 52 34.60 -21.70 -5.38
N TYR E 53 34.60 -22.21 -6.62
CA TYR E 53 33.91 -21.53 -7.71
C TYR E 53 32.41 -21.47 -7.46
N ILE E 54 31.83 -22.51 -6.85
CA ILE E 54 30.40 -22.48 -6.54
C ILE E 54 30.10 -21.35 -5.57
N PHE E 55 30.91 -21.25 -4.51
CA PHE E 55 30.75 -20.13 -3.58
C PHE E 55 30.88 -18.81 -4.30
N ILE E 56 31.92 -18.69 -5.13
CA ILE E 56 32.18 -17.43 -5.83
C ILE E 56 31.02 -17.08 -6.75
N PHE E 57 30.52 -18.06 -7.49
CA PHE E 57 29.45 -17.82 -8.45
C PHE E 57 28.15 -17.44 -7.75
N VAL E 58 27.82 -18.11 -6.65
CA VAL E 58 26.62 -17.74 -5.92
C VAL E 58 26.74 -16.31 -5.41
N ILE E 59 27.85 -16.01 -4.73
CA ILE E 59 28.02 -14.68 -4.16
C ILE E 59 28.02 -13.63 -5.25
N GLY E 60 28.72 -13.89 -6.35
CA GLY E 60 28.74 -12.99 -7.47
C GLY E 60 27.35 -12.78 -8.01
N MET E 61 26.73 -13.80 -8.61
CA MET E 61 25.39 -13.66 -9.15
C MET E 61 24.55 -12.78 -8.25
N ILE E 62 24.56 -13.08 -6.95
CA ILE E 62 23.80 -12.28 -5.99
C ILE E 62 24.19 -10.82 -6.11
N ALA E 63 25.45 -10.50 -5.81
CA ALA E 63 25.88 -9.11 -5.63
C ALA E 63 26.08 -8.36 -6.94
N ASN E 64 25.99 -9.05 -8.08
CA ASN E 64 26.13 -8.46 -9.40
C ASN E 64 24.78 -8.18 -10.04
N SER E 65 23.89 -9.18 -10.08
CA SER E 65 22.52 -8.88 -10.46
C SER E 65 21.93 -7.83 -9.53
N VAL E 66 22.31 -7.87 -8.25
CA VAL E 66 21.83 -6.88 -7.30
C VAL E 66 22.27 -5.49 -7.72
N VAL E 67 23.56 -5.32 -8.00
CA VAL E 67 24.07 -4.00 -8.37
C VAL E 67 23.40 -3.53 -9.66
N VAL E 68 23.32 -4.40 -10.66
CA VAL E 68 22.72 -4.02 -11.93
C VAL E 68 21.29 -3.55 -11.72
N TRP E 69 20.49 -4.32 -10.97
CA TRP E 69 19.10 -3.95 -10.75
C TRP E 69 19.00 -2.65 -9.97
N VAL E 70 19.87 -2.46 -8.98
CA VAL E 70 19.63 -1.42 -7.98
C VAL E 70 20.15 -0.07 -8.45
N ASN E 71 21.32 -0.04 -9.10
CA ASN E 71 21.85 1.23 -9.57
C ASN E 71 21.25 1.67 -10.91
N ILE E 72 20.37 0.85 -11.49
CA ILE E 72 19.63 1.23 -12.68
C ILE E 72 18.54 2.22 -12.30
N HIS E 82 27.88 5.46 -9.53
CA HIS E 82 28.33 6.36 -10.57
C HIS E 82 28.16 5.72 -11.95
N CYS E 83 28.14 6.55 -12.99
CA CYS E 83 27.95 6.03 -14.34
C CYS E 83 29.06 5.07 -14.72
N TYR E 84 30.31 5.45 -14.45
CA TYR E 84 31.44 4.54 -14.69
C TYR E 84 31.32 3.29 -13.82
N ILE E 85 30.94 3.47 -12.56
CA ILE E 85 30.72 2.33 -11.68
C ILE E 85 29.60 1.46 -12.21
N LEU E 86 28.55 2.08 -12.75
CA LEU E 86 27.45 1.32 -13.34
C LEU E 86 27.94 0.48 -14.51
N ASN E 87 28.74 1.08 -15.40
CA ASN E 87 29.28 0.33 -16.53
C ASN E 87 30.15 -0.82 -16.05
N LEU E 88 30.98 -0.57 -15.05
CA LEU E 88 31.85 -1.62 -14.51
C LEU E 88 31.04 -2.77 -13.94
N ALA E 89 30.00 -2.45 -13.16
CA ALA E 89 29.18 -3.49 -12.56
C ALA E 89 28.43 -4.29 -13.63
N ILE E 90 27.88 -3.60 -14.63
CA ILE E 90 27.23 -4.31 -15.72
C ILE E 90 28.21 -5.25 -16.39
N ALA E 91 29.45 -4.79 -16.59
CA ALA E 91 30.48 -5.64 -17.16
C ALA E 91 30.68 -6.90 -16.31
N ASP E 92 30.90 -6.70 -15.00
CA ASP E 92 31.23 -7.83 -14.14
C ASP E 92 30.09 -8.83 -14.06
N LEU E 93 28.85 -8.35 -14.19
CA LEU E 93 27.71 -9.27 -14.11
C LEU E 93 27.80 -10.36 -15.16
N TRP E 94 28.27 -10.01 -16.36
CA TRP E 94 28.35 -11.01 -17.42
C TRP E 94 29.42 -12.06 -17.12
N VAL E 95 30.57 -11.64 -16.61
CA VAL E 95 31.59 -12.60 -16.22
C VAL E 95 31.02 -13.56 -15.20
N VAL E 96 30.33 -13.03 -14.20
CA VAL E 96 29.75 -13.89 -13.17
C VAL E 96 28.75 -14.85 -13.79
N LEU E 97 27.87 -14.32 -14.65
CA LEU E 97 26.87 -15.15 -15.30
C LEU E 97 27.52 -16.27 -16.10
N THR E 98 28.69 -16.03 -16.67
CA THR E 98 29.40 -17.06 -17.41
C THR E 98 30.17 -18.02 -16.52
N ILE E 99 30.41 -17.63 -15.25
CA ILE E 99 31.17 -18.50 -14.36
C ILE E 99 30.65 -19.94 -14.38
N PRO E 100 29.34 -20.20 -14.28
CA PRO E 100 28.88 -21.60 -14.27
C PRO E 100 29.36 -22.41 -15.47
N VAL E 101 29.42 -21.79 -16.65
CA VAL E 101 29.87 -22.51 -17.83
C VAL E 101 31.33 -22.93 -17.65
N TRP E 102 32.16 -22.02 -17.15
CA TRP E 102 33.56 -22.36 -16.89
C TRP E 102 33.68 -23.45 -15.84
N VAL E 103 32.83 -23.39 -14.81
CA VAL E 103 32.85 -24.42 -13.77
C VAL E 103 32.51 -25.78 -14.36
N VAL E 104 31.47 -25.83 -15.20
CA VAL E 104 31.10 -27.08 -15.86
C VAL E 104 32.25 -27.59 -16.72
N SER E 105 32.88 -26.69 -17.48
CA SER E 105 34.00 -27.10 -18.32
C SER E 105 35.13 -27.67 -17.47
N LEU E 106 35.43 -27.04 -16.33
CA LEU E 106 36.47 -27.55 -15.46
C LEU E 106 36.10 -28.91 -14.89
N VAL E 107 34.82 -29.11 -14.56
CA VAL E 107 34.40 -30.36 -13.94
C VAL E 107 34.67 -31.55 -14.85
N GLN E 108 34.64 -31.35 -16.16
CA GLN E 108 34.82 -32.41 -17.13
C GLN E 108 36.25 -32.47 -17.67
N HIS E 109 37.23 -32.18 -16.82
CA HIS E 109 38.64 -32.22 -17.22
C HIS E 109 38.90 -31.28 -18.39
N ASN E 110 38.35 -30.08 -18.30
CA ASN E 110 38.53 -29.04 -19.32
C ASN E 110 38.03 -29.50 -20.68
N GLN E 111 36.98 -30.32 -20.69
CA GLN E 111 36.32 -30.74 -21.93
C GLN E 111 35.06 -29.92 -22.12
N TRP E 112 34.85 -29.44 -23.35
CA TRP E 112 33.75 -28.53 -23.63
C TRP E 112 32.66 -29.24 -24.43
N PRO E 113 31.75 -29.96 -23.75
CA PRO E 113 30.67 -30.63 -24.50
C PRO E 113 29.78 -29.68 -25.26
N MET E 114 29.59 -28.45 -24.77
CA MET E 114 28.75 -27.50 -25.46
C MET E 114 29.30 -27.21 -26.85
N GLY E 115 28.49 -26.52 -27.66
CA GLY E 115 28.84 -26.27 -29.04
C GLY E 115 29.89 -25.19 -29.19
N GLU E 116 30.36 -25.04 -30.44
CA GLU E 116 31.37 -24.03 -30.73
C GLU E 116 30.84 -22.62 -30.45
N LEU E 117 29.58 -22.37 -30.82
CA LEU E 117 28.99 -21.06 -30.57
C LEU E 117 28.95 -20.75 -29.08
N THR E 118 28.68 -21.76 -28.25
CA THR E 118 28.64 -21.54 -26.82
C THR E 118 30.00 -21.06 -26.31
N CYS E 119 31.07 -21.77 -26.68
CA CYS E 119 32.41 -21.36 -26.24
C CYS E 119 32.76 -19.99 -26.78
N LYS E 120 32.45 -19.73 -28.05
CA LYS E 120 32.75 -18.44 -28.65
C LYS E 120 32.09 -17.31 -27.87
N VAL E 121 30.77 -17.42 -27.67
CA VAL E 121 30.03 -16.35 -27.00
C VAL E 121 30.51 -16.19 -25.56
N THR E 122 30.68 -17.31 -24.85
CA THR E 122 31.12 -17.22 -23.46
C THR E 122 32.48 -16.55 -23.35
N HIS E 123 33.44 -16.99 -24.16
CA HIS E 123 34.77 -16.43 -24.10
C HIS E 123 34.78 -14.96 -24.50
N LEU E 124 34.02 -14.61 -25.54
CA LEU E 124 33.97 -13.22 -25.98
C LEU E 124 33.40 -12.33 -24.88
N ILE E 125 32.29 -12.76 -24.27
CA ILE E 125 31.68 -11.97 -23.20
C ILE E 125 32.64 -11.85 -22.03
N PHE E 126 33.27 -12.97 -21.65
CA PHE E 126 34.20 -12.94 -20.53
C PHE E 126 35.34 -11.95 -20.79
N SER E 127 35.97 -12.05 -21.96
CA SER E 127 37.09 -11.17 -22.27
C SER E 127 36.63 -9.72 -22.31
N ILE E 128 35.52 -9.44 -23.00
CA ILE E 128 35.05 -8.07 -23.14
C ILE E 128 34.80 -7.46 -21.76
N ASN E 129 34.07 -8.18 -20.91
CA ASN E 129 33.71 -7.62 -19.62
C ASN E 129 34.91 -7.48 -18.71
N LEU E 130 35.81 -8.47 -18.72
CA LEU E 130 36.99 -8.40 -17.88
C LEU E 130 37.85 -7.20 -18.27
N PHE E 131 38.08 -7.01 -19.57
CA PHE E 131 38.87 -5.86 -20.02
C PHE E 131 38.14 -4.55 -19.71
N GLY E 132 36.82 -4.52 -19.87
CA GLY E 132 36.08 -3.31 -19.57
C GLY E 132 36.21 -2.91 -18.12
N SER E 133 36.11 -3.88 -17.22
CA SER E 133 36.30 -3.60 -15.80
C SER E 133 37.73 -3.11 -15.54
N ILE E 134 38.71 -3.82 -16.10
CA ILE E 134 40.10 -3.45 -15.90
C ILE E 134 40.34 -2.01 -16.33
N PHE E 135 39.77 -1.62 -17.47
CA PHE E 135 40.01 -0.28 -17.99
C PHE E 135 39.24 0.77 -17.20
N PHE E 136 37.98 0.48 -16.87
CA PHE E 136 37.18 1.44 -16.14
C PHE E 136 37.69 1.66 -14.72
N LEU E 137 38.47 0.72 -14.17
CA LEU E 137 39.14 1.02 -12.91
C LEU E 137 40.05 2.23 -13.07
N THR E 138 40.90 2.22 -14.10
CA THR E 138 41.78 3.35 -14.36
C THR E 138 40.96 4.59 -14.70
N CYS E 139 39.87 4.41 -15.46
CA CYS E 139 39.04 5.55 -15.85
C CYS E 139 38.44 6.22 -14.63
N MET E 140 37.94 5.43 -13.68
CA MET E 140 37.40 5.99 -12.45
C MET E 140 38.48 6.67 -11.63
N SER E 141 39.68 6.08 -11.58
CA SER E 141 40.78 6.75 -10.90
C SER E 141 41.03 8.12 -11.50
N VAL E 142 41.07 8.19 -12.84
CA VAL E 142 41.33 9.46 -13.52
C VAL E 142 40.20 10.45 -13.26
N ASP E 143 38.95 9.97 -13.29
CA ASP E 143 37.82 10.86 -13.05
C ASP E 143 37.84 11.42 -11.64
N ARG E 144 38.14 10.57 -10.65
CA ARG E 144 38.23 11.05 -9.28
C ARG E 144 39.37 12.05 -9.13
N TYR E 145 40.49 11.81 -9.81
CA TYR E 145 41.58 12.77 -9.80
C TYR E 145 41.14 14.11 -10.39
N LEU E 146 40.43 14.07 -11.52
CA LEU E 146 40.02 15.30 -12.19
C LEU E 146 39.02 16.09 -11.34
N SER E 147 38.07 15.39 -10.71
CA SER E 147 37.01 16.09 -9.98
C SER E 147 37.59 16.94 -8.85
N ILE E 148 38.52 16.39 -8.09
CA ILE E 148 39.12 17.12 -6.98
C ILE E 148 40.28 17.96 -7.49
N LYS E 159 31.34 18.12 -17.77
CA LYS E 159 31.76 16.73 -17.73
C LYS E 159 30.66 15.81 -18.25
N LYS E 160 29.42 16.32 -18.28
CA LYS E 160 28.30 15.51 -18.76
C LYS E 160 28.52 15.10 -20.21
N MET E 161 28.98 16.04 -21.05
CA MET E 161 29.32 15.69 -22.42
C MET E 161 30.48 14.71 -22.46
N VAL E 162 31.34 14.71 -21.43
CA VAL E 162 32.49 13.82 -21.40
C VAL E 162 32.03 12.39 -21.10
N ARG E 163 31.42 12.19 -19.93
CA ARG E 163 31.15 10.85 -19.40
C ARG E 163 30.62 9.87 -20.45
N ARG E 164 29.57 10.26 -21.17
CA ARG E 164 28.91 9.34 -22.08
C ARG E 164 29.86 8.89 -23.18
N VAL E 165 30.49 9.85 -23.86
CA VAL E 165 31.41 9.52 -24.94
C VAL E 165 32.58 8.71 -24.40
N VAL E 166 33.10 9.10 -23.23
CA VAL E 166 34.25 8.41 -22.66
C VAL E 166 33.92 6.94 -22.42
N CYS E 167 32.75 6.67 -21.82
CA CYS E 167 32.43 5.29 -21.49
C CYS E 167 32.10 4.49 -22.75
N ILE E 168 31.43 5.11 -23.73
CA ILE E 168 31.18 4.40 -24.99
C ILE E 168 32.52 4.04 -25.65
N LEU E 169 33.48 4.96 -25.61
CA LEU E 169 34.80 4.68 -26.14
C LEU E 169 35.51 3.58 -25.35
N VAL E 170 35.34 3.56 -24.03
CA VAL E 170 35.94 2.51 -23.22
C VAL E 170 35.40 1.15 -23.64
N TRP E 171 34.07 1.06 -23.83
CA TRP E 171 33.48 -0.18 -24.29
C TRP E 171 33.92 -0.52 -25.72
N LEU E 172 34.09 0.50 -26.55
CA LEU E 172 34.61 0.26 -27.91
C LEU E 172 35.97 -0.42 -27.84
N LEU E 173 36.88 0.15 -27.05
CA LEU E 173 38.19 -0.47 -26.87
C LEU E 173 38.04 -1.87 -26.29
N ALA E 174 37.13 -2.03 -25.33
CA ALA E 174 36.94 -3.33 -24.69
C ALA E 174 36.57 -4.39 -25.71
N PHE E 175 35.61 -4.11 -26.57
CA PHE E 175 35.20 -5.11 -27.54
C PHE E 175 36.24 -5.28 -28.64
N CYS E 176 36.91 -4.21 -29.05
CA CYS E 176 37.89 -4.32 -30.13
C CYS E 176 39.08 -5.15 -29.71
N VAL E 177 39.65 -4.88 -28.54
CA VAL E 177 40.84 -5.60 -28.11
C VAL E 177 40.55 -7.08 -27.95
N SER E 178 39.34 -7.40 -27.50
CA SER E 178 38.95 -8.78 -27.23
C SER E 178 38.47 -9.53 -28.46
N LEU E 179 38.05 -8.82 -29.51
CA LEU E 179 37.53 -9.50 -30.69
C LEU E 179 38.51 -10.51 -31.27
N PRO E 180 39.80 -10.19 -31.48
CA PRO E 180 40.69 -11.16 -32.12
C PRO E 180 40.74 -12.50 -31.42
N ASP E 181 40.70 -12.51 -30.09
CA ASP E 181 40.75 -13.76 -29.35
C ASP E 181 39.60 -14.67 -29.77
N THR E 182 38.38 -14.15 -29.72
CA THR E 182 37.22 -14.95 -30.10
C THR E 182 37.21 -15.26 -31.59
N TYR E 183 37.86 -14.43 -32.40
CA TYR E 183 37.80 -14.63 -33.85
C TYR E 183 38.33 -15.99 -34.25
N TYR E 184 39.44 -16.42 -33.66
CA TYR E 184 40.07 -17.68 -34.00
C TYR E 184 39.66 -18.83 -33.08
N LEU E 185 38.73 -18.60 -32.15
CA LEU E 185 38.28 -19.65 -31.26
C LEU E 185 37.47 -20.69 -32.03
N LYS E 186 37.77 -21.96 -31.77
CA LYS E 186 37.06 -23.07 -32.40
C LYS E 186 37.14 -24.28 -31.49
N THR E 187 36.24 -25.24 -31.71
CA THR E 187 36.18 -26.47 -30.96
C THR E 187 36.64 -27.64 -31.83
N VAL E 188 37.45 -28.51 -31.25
CA VAL E 188 37.99 -29.68 -31.95
C VAL E 188 37.99 -30.87 -31.00
N THR E 189 37.88 -32.06 -31.59
CA THR E 189 37.92 -33.31 -30.84
C THR E 189 39.27 -33.98 -31.05
N SER E 190 39.92 -34.35 -29.96
CA SER E 190 41.24 -34.97 -30.05
C SER E 190 41.16 -36.27 -30.83
N ALA E 191 42.09 -36.44 -31.78
CA ALA E 191 42.12 -37.67 -32.58
C ALA E 191 42.41 -38.88 -31.71
N SER E 192 43.34 -38.75 -30.76
CA SER E 192 43.72 -39.86 -29.89
C SER E 192 42.90 -39.88 -28.61
N ASN E 193 42.85 -38.75 -27.89
CA ASN E 193 42.10 -38.69 -26.65
C ASN E 193 40.60 -38.84 -26.87
N ASN E 194 40.11 -38.55 -28.08
CA ASN E 194 38.70 -38.69 -28.40
C ASN E 194 37.84 -37.87 -27.44
N GLU E 195 38.27 -36.65 -27.15
CA GLU E 195 37.55 -35.75 -26.27
C GLU E 195 37.48 -34.36 -26.90
N THR E 196 36.37 -33.68 -26.68
CA THR E 196 36.16 -32.35 -27.25
C THR E 196 36.82 -31.29 -26.39
N TYR E 197 37.32 -30.25 -27.06
CA TYR E 197 37.97 -29.13 -26.38
C TYR E 197 37.76 -27.88 -27.22
N CYS E 198 37.94 -26.73 -26.56
CA CYS E 198 37.78 -25.42 -27.20
C CYS E 198 39.07 -24.63 -27.05
N ARG E 199 39.59 -24.11 -28.15
CA ARG E 199 40.87 -23.40 -28.14
C ARG E 199 40.94 -22.49 -29.36
N SER E 200 41.89 -21.57 -29.33
CA SER E 200 42.11 -20.64 -30.42
C SER E 200 43.02 -21.25 -31.48
N PHE E 201 42.77 -20.88 -32.74
CA PHE E 201 43.54 -21.37 -33.88
C PHE E 201 43.99 -20.18 -34.71
N TYR E 202 45.14 -19.61 -34.35
CA TYR E 202 45.69 -18.47 -35.07
C TYR E 202 46.33 -18.93 -36.38
N PRO E 203 46.58 -18.01 -37.31
CA PRO E 203 47.14 -18.40 -38.60
C PRO E 203 48.45 -19.14 -38.43
N GLU E 204 48.63 -20.20 -39.25
CA GLU E 204 49.77 -21.09 -39.07
C GLU E 204 51.09 -20.34 -39.23
N HIS E 205 51.18 -19.44 -40.20
CA HIS E 205 52.42 -18.73 -40.47
C HIS E 205 52.77 -17.68 -39.42
N SER E 206 51.82 -17.36 -38.52
CA SER E 206 52.09 -16.33 -37.52
C SER E 206 51.53 -16.68 -36.15
N ILE E 207 51.41 -17.97 -35.82
CA ILE E 207 50.86 -18.35 -34.51
C ILE E 207 51.67 -17.70 -33.39
N GLU E 209 53.65 -15.05 -33.46
CA GLU E 209 53.50 -13.59 -33.45
C GLU E 209 52.19 -13.19 -32.79
N TRP E 210 51.09 -13.85 -33.17
CA TRP E 210 49.80 -13.53 -32.58
C TRP E 210 49.79 -13.81 -31.08
N LEU E 211 50.37 -14.94 -30.67
CA LEU E 211 50.44 -15.26 -29.24
C LEU E 211 51.21 -14.18 -28.49
N ILE E 212 52.36 -13.79 -29.01
CA ILE E 212 53.18 -12.79 -28.33
C ILE E 212 52.42 -11.47 -28.23
N GLY E 213 51.79 -11.05 -29.33
CA GLY E 213 51.05 -9.80 -29.32
C GLY E 213 49.90 -9.82 -28.33
N MET E 214 49.14 -10.92 -28.32
CA MET E 214 48.01 -11.03 -27.40
C MET E 214 48.48 -11.01 -25.95
N GLU E 215 49.57 -11.73 -25.65
CA GLU E 215 50.09 -11.70 -24.30
C GLU E 215 50.55 -10.30 -23.90
N LEU E 216 51.24 -9.62 -24.81
CA LEU E 216 51.68 -8.25 -24.53
C LEU E 216 50.47 -7.37 -24.23
N VAL E 217 49.42 -7.49 -25.03
CA VAL E 217 48.21 -6.70 -24.80
C VAL E 217 47.60 -7.06 -23.47
N SER E 218 47.57 -8.35 -23.13
CA SER E 218 46.96 -8.78 -21.88
C SER E 218 47.68 -8.21 -20.68
N VAL E 219 49.01 -8.23 -20.70
CA VAL E 219 49.80 -7.82 -19.54
C VAL E 219 50.10 -6.33 -19.55
N VAL E 220 50.64 -5.82 -20.67
CA VAL E 220 51.00 -4.41 -20.74
C VAL E 220 49.78 -3.54 -20.51
N LEU E 221 48.69 -3.83 -21.22
CA LEU E 221 47.46 -3.09 -21.03
C LEU E 221 46.73 -3.50 -19.76
N GLY E 222 46.87 -4.76 -19.33
CA GLY E 222 46.09 -5.27 -18.22
C GLY E 222 46.43 -4.66 -16.88
N PHE E 223 47.63 -4.94 -16.37
CA PHE E 223 47.96 -4.67 -14.97
C PHE E 223 48.62 -3.31 -14.76
N ALA E 224 49.80 -3.11 -15.35
CA ALA E 224 50.62 -1.97 -14.99
C ALA E 224 49.91 -0.66 -15.27
N VAL E 225 49.29 -0.55 -16.44
CA VAL E 225 48.68 0.72 -16.84
C VAL E 225 47.62 1.17 -15.84
N PRO E 226 46.65 0.32 -15.44
CA PRO E 226 45.78 0.72 -14.33
C PRO E 226 46.53 0.92 -13.03
N PHE E 227 47.25 -0.12 -12.60
CA PHE E 227 47.81 -0.16 -11.26
C PHE E 227 48.59 1.10 -10.93
N SER E 228 49.45 1.55 -11.85
CA SER E 228 50.30 2.69 -11.56
C SER E 228 49.45 3.93 -11.23
N ILE E 229 48.53 4.27 -12.12
CA ILE E 229 47.71 5.47 -11.92
C ILE E 229 46.85 5.32 -10.67
N ILE E 230 46.25 4.14 -10.49
CA ILE E 230 45.37 3.94 -9.35
C ILE E 230 46.15 4.13 -8.04
N ALA E 231 47.31 3.49 -7.93
CA ALA E 231 48.10 3.59 -6.71
C ALA E 231 48.53 5.03 -6.47
N VAL E 232 49.01 5.71 -7.52
CA VAL E 232 49.50 7.07 -7.34
C VAL E 232 48.37 7.99 -6.90
N PHE E 233 47.22 7.89 -7.57
CA PHE E 233 46.11 8.78 -7.26
C PHE E 233 45.56 8.52 -5.86
N TYR E 234 45.46 7.25 -5.46
CA TYR E 234 44.94 6.97 -4.13
C TYR E 234 45.96 7.32 -3.04
N PHE E 235 47.25 7.22 -3.33
CA PHE E 235 48.26 7.74 -2.41
C PHE E 235 48.10 9.25 -2.25
N LEU E 236 47.88 9.97 -3.35
CA LEU E 236 47.65 11.40 -3.26
C LEU E 236 46.40 11.70 -2.45
N LEU E 237 45.33 10.92 -2.67
CA LEU E 237 44.11 11.12 -1.90
C LEU E 237 44.33 10.89 -0.42
N ALA E 238 45.07 9.83 -0.07
CA ALA E 238 45.38 9.57 1.33
C ALA E 238 46.19 10.72 1.93
N ARG E 239 47.15 11.24 1.16
CA ARG E 239 47.91 12.39 1.63
C ARG E 239 47.00 13.59 1.88
N ALA E 240 46.04 13.82 0.98
CA ALA E 240 45.12 14.95 1.14
C ALA E 240 44.29 14.79 2.41
N ILE E 241 43.80 13.60 2.67
CA ILE E 241 43.00 13.34 3.87
C ILE E 241 43.92 13.22 5.07
N ARG E 253 37.27 6.93 4.60
CA ARG E 253 38.68 7.31 4.53
C ARG E 253 39.57 6.08 4.42
N LYS E 254 39.62 5.29 5.51
CA LYS E 254 40.48 4.12 5.55
C LYS E 254 40.20 3.19 4.38
N ILE E 255 38.95 3.15 3.90
CA ILE E 255 38.61 2.26 2.79
C ILE E 255 39.56 2.52 1.63
N ILE E 256 40.05 3.75 1.50
CA ILE E 256 41.02 4.07 0.46
C ILE E 256 42.10 3.00 0.39
N PHE E 257 42.79 2.79 1.53
CA PHE E 257 43.84 1.78 1.56
C PHE E 257 43.32 0.45 1.03
N SER E 258 42.19 -0.01 1.60
CA SER E 258 41.57 -1.24 1.15
C SER E 258 41.55 -1.28 -0.37
N TYR E 259 40.94 -0.26 -0.98
CA TYR E 259 40.84 -0.22 -2.44
C TYR E 259 42.17 -0.64 -3.06
N VAL E 260 43.21 0.15 -2.78
CA VAL E 260 44.51 -0.12 -3.39
C VAL E 260 44.86 -1.60 -3.21
N VAL E 261 44.94 -2.03 -1.96
CA VAL E 261 45.39 -3.39 -1.69
C VAL E 261 44.53 -4.36 -2.47
N VAL E 262 43.20 -4.19 -2.37
CA VAL E 262 42.30 -5.09 -3.08
C VAL E 262 42.72 -5.19 -4.53
N PHE E 263 42.70 -4.06 -5.24
CA PHE E 263 42.94 -4.11 -6.68
C PHE E 263 44.29 -4.75 -6.99
N LEU E 264 45.25 -4.58 -6.09
CA LEU E 264 46.53 -5.25 -6.27
C LEU E 264 46.37 -6.74 -6.02
N VAL E 265 46.00 -7.11 -4.80
CA VAL E 265 46.06 -8.51 -4.39
C VAL E 265 45.14 -9.35 -5.26
N CYS E 266 44.00 -8.79 -5.65
CA CYS E 266 43.06 -9.53 -6.49
C CYS E 266 43.69 -9.91 -7.83
N TRP E 267 44.42 -8.97 -8.44
CA TRP E 267 44.89 -9.17 -9.81
C TRP E 267 46.41 -9.26 -9.94
N LEU E 268 47.16 -8.73 -8.98
CA LEU E 268 48.62 -8.86 -9.05
C LEU E 268 49.08 -10.29 -9.23
N PRO E 269 48.53 -11.28 -8.52
CA PRO E 269 49.01 -12.66 -8.68
C PRO E 269 48.91 -13.19 -10.10
N TYR E 270 47.69 -13.22 -10.65
CA TYR E 270 47.45 -13.95 -11.90
C TYR E 270 48.36 -13.43 -13.01
N HIS E 271 48.40 -12.12 -13.21
CA HIS E 271 49.28 -11.55 -14.23
C HIS E 271 50.70 -12.07 -14.05
N VAL E 272 51.22 -12.02 -12.81
CA VAL E 272 52.54 -12.55 -12.55
C VAL E 272 52.60 -14.02 -12.95
N ALA E 273 51.63 -14.80 -12.48
CA ALA E 273 51.53 -16.19 -12.95
C ALA E 273 51.48 -16.23 -14.46
N VAL E 274 50.63 -15.38 -15.05
CA VAL E 274 50.56 -15.31 -16.50
C VAL E 274 51.94 -15.01 -17.06
N LEU E 275 52.62 -14.03 -16.49
CA LEU E 275 53.97 -13.73 -16.95
C LEU E 275 54.83 -14.99 -16.93
N LEU E 276 54.79 -15.73 -15.82
CA LEU E 276 55.58 -16.95 -15.74
C LEU E 276 55.22 -17.89 -16.88
N ASP E 277 53.93 -18.04 -17.16
CA ASP E 277 53.51 -18.88 -18.28
C ASP E 277 54.24 -18.48 -19.55
N ILE E 278 54.29 -17.17 -19.85
CA ILE E 278 54.99 -16.71 -21.03
C ILE E 278 56.43 -17.20 -21.01
N PHE E 279 57.10 -17.00 -19.87
CA PHE E 279 58.50 -17.41 -19.76
C PHE E 279 58.64 -18.90 -20.00
N SER E 280 57.63 -19.70 -19.63
CA SER E 280 57.69 -21.13 -19.86
C SER E 280 57.43 -21.48 -21.33
N ILE E 281 56.58 -20.70 -22.01
CA ILE E 281 56.28 -21.00 -23.40
C ILE E 281 57.51 -20.81 -24.27
N LEU E 282 58.34 -19.82 -23.94
CA LEU E 282 59.54 -19.52 -24.71
C LEU E 282 60.72 -20.42 -24.34
N HIS E 283 60.47 -21.53 -23.64
CA HIS E 283 61.51 -22.51 -23.31
C HIS E 283 62.68 -21.86 -22.58
N TYR E 284 62.36 -20.97 -21.63
CA TYR E 284 63.36 -20.33 -20.79
C TYR E 284 63.56 -21.06 -19.47
N ILE E 285 62.86 -22.16 -19.23
CA ILE E 285 62.98 -22.93 -18.00
C ILE E 285 63.06 -24.41 -18.35
N PRO E 286 63.85 -25.21 -17.64
CA PRO E 286 63.88 -26.65 -17.93
C PRO E 286 62.52 -27.28 -17.72
N PHE E 287 62.21 -28.27 -18.54
CA PHE E 287 60.91 -28.94 -18.52
C PHE E 287 60.90 -29.98 -17.40
N THR E 288 59.96 -29.83 -16.47
CA THR E 288 59.83 -30.77 -15.36
C THR E 288 58.36 -30.90 -15.00
N CYS E 289 58.00 -32.07 -14.47
CA CYS E 289 56.60 -32.32 -14.11
C CYS E 289 56.19 -31.49 -12.90
N ARG E 290 57.09 -31.34 -11.91
CA ARG E 290 56.74 -30.58 -10.72
C ARG E 290 56.45 -29.12 -11.07
N LEU E 291 57.23 -28.55 -11.99
CA LEU E 291 56.97 -27.18 -12.42
C LEU E 291 55.60 -27.06 -13.04
N GLU E 292 55.22 -28.01 -13.90
CA GLU E 292 53.90 -27.98 -14.52
C GLU E 292 52.81 -28.09 -13.47
N HIS E 293 52.97 -28.98 -12.49
CA HIS E 293 51.97 -29.13 -11.45
C HIS E 293 51.82 -27.85 -10.64
N ALA E 294 52.95 -27.23 -10.28
CA ALA E 294 52.89 -26.00 -9.50
C ALA E 294 52.22 -24.89 -10.30
N LEU E 295 52.56 -24.76 -11.58
CA LEU E 295 51.93 -23.74 -12.41
C LEU E 295 50.44 -23.97 -12.53
N PHE E 296 50.03 -25.22 -12.76
CA PHE E 296 48.60 -25.52 -12.88
C PHE E 296 47.87 -25.20 -11.59
N THR E 297 48.45 -25.58 -10.44
CA THR E 297 47.81 -25.27 -9.17
C THR E 297 47.69 -23.77 -8.95
N ALA E 298 48.75 -23.02 -9.26
CA ALA E 298 48.74 -21.58 -9.00
C ALA E 298 47.78 -20.86 -9.93
N LEU E 299 47.69 -21.29 -11.19
CA LEU E 299 46.90 -20.55 -12.17
C LEU E 299 45.44 -20.50 -11.78
N HIS E 300 44.85 -21.64 -11.43
CA HIS E 300 43.42 -21.67 -11.13
C HIS E 300 43.12 -20.96 -9.82
N VAL E 301 44.00 -21.07 -8.83
CA VAL E 301 43.83 -20.32 -7.59
C VAL E 301 43.84 -18.83 -7.87
N THR E 302 44.80 -18.38 -8.69
CA THR E 302 44.85 -16.96 -9.04
C THR E 302 43.61 -16.54 -9.80
N GLN E 303 43.11 -17.39 -10.70
CA GLN E 303 41.90 -17.06 -11.44
C GLN E 303 40.70 -16.94 -10.50
N CYS E 304 40.60 -17.83 -9.52
CA CYS E 304 39.53 -17.72 -8.53
C CYS E 304 39.65 -16.41 -7.76
N LEU E 305 40.87 -16.06 -7.34
CA LEU E 305 41.07 -14.80 -6.66
C LEU E 305 40.68 -13.63 -7.55
N SER E 306 40.92 -13.75 -8.85
CA SER E 306 40.55 -12.70 -9.78
C SER E 306 39.03 -12.56 -9.87
N LEU E 307 38.35 -13.68 -10.08
CA LEU E 307 36.89 -13.63 -10.14
C LEU E 307 36.28 -13.14 -8.84
N VAL E 308 36.99 -13.33 -7.72
CA VAL E 308 36.53 -12.75 -6.46
C VAL E 308 36.41 -11.24 -6.58
N HIS E 309 37.12 -10.65 -7.54
CA HIS E 309 36.96 -9.22 -7.78
C HIS E 309 35.52 -8.89 -8.17
N CYS E 310 34.88 -9.76 -8.94
CA CYS E 310 33.51 -9.54 -9.34
C CYS E 310 32.60 -9.32 -8.13
N CYS E 311 32.93 -9.96 -7.01
CA CYS E 311 32.12 -9.83 -5.81
C CYS E 311 32.61 -8.71 -4.90
N VAL E 312 33.92 -8.49 -4.81
CA VAL E 312 34.43 -7.49 -3.89
C VAL E 312 34.41 -6.07 -4.46
N ASN E 313 34.21 -5.91 -5.77
CA ASN E 313 34.08 -4.57 -6.34
C ASN E 313 33.01 -3.75 -5.65
N PRO E 314 31.80 -4.26 -5.42
CA PRO E 314 30.79 -3.54 -4.62
C PRO E 314 31.04 -3.61 -3.12
N VAL E 315 32.30 -3.43 -2.72
CA VAL E 315 32.66 -3.25 -1.32
C VAL E 315 33.15 -1.84 -1.03
N LEU E 316 33.49 -1.06 -2.07
CA LEU E 316 33.60 0.37 -1.88
C LEU E 316 32.29 0.96 -1.40
N TYR E 317 31.18 0.27 -1.66
CA TYR E 317 29.85 0.69 -1.26
C TYR E 317 29.09 -0.52 -0.76
N SER E 318 28.20 -0.28 0.20
CA SER E 318 27.40 -1.35 0.78
C SER E 318 26.67 -2.17 -0.28
N PHE E 319 26.48 -3.45 -0.01
CA PHE E 319 25.78 -4.36 -0.91
C PHE E 319 24.42 -4.67 -0.28
N ILE E 320 23.36 -4.11 -0.87
CA ILE E 320 22.01 -4.35 -0.38
C ILE E 320 21.36 -5.41 -1.26
N ASN E 321 20.89 -6.49 -0.64
CA ASN E 321 20.32 -7.61 -1.38
C ASN E 321 18.84 -7.35 -1.66
N ARG E 322 18.61 -6.42 -2.57
CA ARG E 322 17.25 -5.99 -2.93
C ARG E 322 16.58 -6.93 -3.92
N ASN E 323 17.32 -7.85 -4.53
CA ASN E 323 16.74 -8.79 -5.48
C ASN E 323 16.31 -10.10 -4.85
N TYR E 324 16.43 -10.26 -3.53
CA TYR E 324 16.04 -11.50 -2.89
C TYR E 324 14.53 -11.65 -2.88
N LYS E 339 4.43 -11.92 24.34
CA LYS E 339 3.12 -11.35 24.01
C LYS E 339 2.95 -10.00 24.70
N TPO E 340 2.46 -9.02 23.95
CA TPO E 340 2.31 -7.66 24.46
CB TPO E 340 2.85 -6.63 23.46
CG2 TPO E 340 2.98 -5.24 24.08
OG1 TPO E 340 4.09 -7.07 22.99
P TPO E 340 4.23 -7.59 21.36
O1P TPO E 340 3.91 -6.30 20.63
O2P TPO E 340 5.68 -8.07 21.22
O3P TPO E 340 3.20 -8.70 21.21
C TPO E 340 0.86 -7.34 24.78
O TPO E 340 -0.01 -7.39 23.90
N GLY E 341 0.59 -7.02 26.04
CA GLY E 341 -0.75 -6.68 26.48
C GLY E 341 -0.96 -5.18 26.62
N LEU E 342 -2.14 -4.72 26.23
CA LEU E 342 -2.45 -3.30 26.28
C LEU E 342 -3.20 -2.94 27.56
N TPO E 343 -2.46 -2.75 28.65
CA TPO E 343 -3.07 -2.28 29.88
CB TPO E 343 -2.42 -2.93 31.12
CG2 TPO E 343 -1.00 -2.43 31.37
OG1 TPO E 343 -3.28 -2.71 32.23
P TPO E 343 -2.83 -1.73 33.57
O1P TPO E 343 -2.45 -0.43 32.87
O2P TPO E 343 -4.10 -1.63 34.42
O3P TPO E 343 -1.69 -2.47 34.26
C TPO E 343 -2.96 -0.76 29.95
O TPO E 343 -2.18 -0.17 29.20
N LYS E 344 -3.73 -0.13 30.83
CA LYS E 344 -3.83 1.33 30.84
C LYS E 344 -3.92 1.89 32.25
N LEU E 345 -3.43 3.11 32.42
CA LEU E 345 -3.49 3.81 33.71
C LEU E 345 -4.41 5.01 33.61
C1 CLR F . 35.20 -4.24 6.69
C2 CLR F . 36.04 -3.18 7.38
C3 CLR F . 35.61 -1.79 6.96
C4 CLR F . 34.13 -1.60 7.26
C5 CLR F . 33.27 -2.67 6.63
C6 CLR F . 32.22 -2.34 5.88
C7 CLR F . 31.27 -3.31 5.26
C8 CLR F . 31.45 -4.73 5.79
C9 CLR F . 32.94 -5.06 5.93
C10 CLR F . 33.67 -4.11 6.91
C11 CLR F . 33.15 -6.55 6.22
C12 CLR F . 32.43 -7.49 5.24
C13 CLR F . 30.93 -7.19 5.15
C14 CLR F . 30.81 -5.70 4.81
C15 CLR F . 29.33 -5.52 4.48
C16 CLR F . 28.96 -6.83 3.77
C17 CLR F . 30.18 -7.79 3.94
C18 CLR F . 30.22 -7.57 6.46
C19 CLR F . 33.34 -4.42 8.37
C20 CLR F . 29.74 -9.26 3.94
C21 CLR F . 30.87 -10.22 4.30
C22 CLR F . 29.15 -9.62 2.57
C23 CLR F . 28.48 -10.99 2.48
C24 CLR F . 27.87 -11.22 1.10
C25 CLR F . 27.40 -12.66 0.84
C26 CLR F . 28.61 -13.59 0.70
C27 CLR F . 26.52 -12.76 -0.40
O1 CLR F . 36.41 -0.85 7.63
#